data_3WDV
#
_entry.id   3WDV
#
_cell.length_a   88.241
_cell.length_b   172.960
_cell.length_c   167.426
_cell.angle_alpha   90.00
_cell.angle_beta   90.00
_cell.angle_gamma   90.00
#
_symmetry.space_group_name_H-M   'C 2 2 21'
#
loop_
_entity.id
_entity.type
_entity.pdbx_description
1 polymer Beta-1,3-1,4-glucanase
2 branched beta-D-glucopyranose-(1-4)-beta-D-glucopyranose
3 non-polymer beta-D-glucopyranose
4 non-polymer 'SULFATE ION'
5 water water
#
_entity_poly.entity_id   1
_entity_poly.type   'polypeptide(L)'
_entity_poly.pdbx_seq_one_letter_code
;EFYHLVDDYGRGNGFFDKFNFFTGDDPTHGYVDYVSRDVAAGAGLIGERDGRTYMGVDFTNPASGRGRRSVRLESKNTYE
HGLIVIDLAHMPGSVCGTWPAFWTLGTGDWPYGGEIDIIEGVNDNTFNHMVLHTSDGCTIDNDGFTGNLKTSNCYVYAPG
QDANAGCGIEATDPNSYGKGFNSIGGGIYATEITPNGISIWFFPRGSEPGDVLGDNPNPANWDTPAAKFAGGGCDWEGKF
NAQRLIFDVTFCGDWAGNVWGIGGCASRAANCVDFVRDNPSAFAESYWLVNSLRVYAP
;
_entity_poly.pdbx_strand_id   A,B,C,D
#
loop_
_chem_comp.id
_chem_comp.type
_chem_comp.name
_chem_comp.formula
BGC D-saccharide, beta linking beta-D-glucopyranose 'C6 H12 O6'
SO4 non-polymer 'SULFATE ION' 'O4 S -2'
#
# COMPACT_ATOMS: atom_id res chain seq x y z
N GLU A 1 -34.37 -41.51 1.41
CA GLU A 1 -32.95 -41.65 1.83
C GLU A 1 -31.99 -40.95 0.87
N PHE A 2 -32.23 -39.66 0.64
CA PHE A 2 -31.37 -38.90 -0.24
C PHE A 2 -30.03 -38.70 0.45
N TYR A 3 -30.09 -38.32 1.73
CA TYR A 3 -28.89 -38.12 2.54
C TYR A 3 -29.09 -38.75 3.91
N HIS A 4 -27.99 -39.25 4.48
CA HIS A 4 -28.03 -39.84 5.81
C HIS A 4 -26.86 -39.27 6.61
N LEU A 5 -27.06 -39.16 7.91
CA LEU A 5 -26.03 -38.61 8.80
C LEU A 5 -24.85 -39.56 8.90
N VAL A 6 -23.64 -39.01 8.81
CA VAL A 6 -22.45 -39.83 8.93
C VAL A 6 -21.53 -39.28 10.01
N ASP A 7 -21.71 -38.02 10.37
CA ASP A 7 -20.84 -37.43 11.38
C ASP A 7 -21.46 -36.22 12.09
N ASP A 8 -21.89 -36.44 13.34
CA ASP A 8 -22.45 -35.37 14.16
C ASP A 8 -21.34 -34.93 15.11
N TYR A 9 -20.96 -33.65 15.07
CA TYR A 9 -19.86 -33.19 15.90
C TYR A 9 -20.16 -32.94 17.38
N GLY A 10 -21.43 -33.02 17.76
CA GLY A 10 -21.78 -32.79 19.15
C GLY A 10 -21.45 -31.38 19.60
N ARG A 11 -20.92 -31.26 20.82
CA ARG A 11 -20.60 -29.95 21.38
C ARG A 11 -19.49 -30.03 22.42
N GLY A 12 -18.96 -28.87 22.79
CA GLY A 12 -17.91 -28.80 23.79
C GLY A 12 -16.68 -29.64 23.51
N ASN A 13 -16.18 -30.30 24.55
CA ASN A 13 -14.98 -31.11 24.42
C ASN A 13 -15.14 -32.26 23.44
N GLY A 14 -16.35 -32.79 23.32
CA GLY A 14 -16.58 -33.88 22.37
C GLY A 14 -16.39 -33.34 20.96
N PHE A 15 -16.76 -32.08 20.78
CA PHE A 15 -16.64 -31.38 19.50
C PHE A 15 -15.16 -31.12 19.20
N PHE A 16 -14.44 -30.57 20.17
CA PHE A 16 -13.02 -30.28 19.98
C PHE A 16 -12.19 -31.55 19.77
N ASP A 17 -12.65 -32.67 20.31
CA ASP A 17 -11.93 -33.93 20.15
C ASP A 17 -11.91 -34.38 18.69
N LYS A 18 -12.76 -33.78 17.87
CA LYS A 18 -12.84 -34.15 16.46
C LYS A 18 -12.00 -33.23 15.56
N PHE A 19 -11.22 -32.35 16.18
CA PHE A 19 -10.38 -31.42 15.44
C PHE A 19 -8.93 -31.42 15.92
N ASN A 20 -8.03 -31.10 15.00
CA ASN A 20 -6.61 -30.96 15.32
C ASN A 20 -6.44 -29.45 15.40
N PHE A 21 -5.69 -28.95 16.38
CA PHE A 21 -5.47 -27.52 16.49
C PHE A 21 -4.18 -27.12 15.78
N PHE A 22 -4.31 -26.31 14.73
CA PHE A 22 -3.18 -25.83 13.94
C PHE A 22 -2.43 -24.77 14.74
N THR A 23 -1.11 -24.92 14.84
CA THR A 23 -0.30 -23.97 15.60
C THR A 23 0.86 -23.39 14.82
N GLY A 24 0.92 -23.68 13.52
CA GLY A 24 2.00 -23.16 12.71
C GLY A 24 1.78 -21.70 12.38
N ASP A 25 2.79 -21.06 11.79
CA ASP A 25 2.65 -19.66 11.40
C ASP A 25 1.49 -19.60 10.41
N ASP A 26 0.73 -18.52 10.43
CA ASP A 26 -0.42 -18.38 9.53
C ASP A 26 -0.04 -18.43 8.05
N PRO A 27 -0.63 -19.36 7.29
CA PRO A 27 -0.32 -19.45 5.86
C PRO A 27 -0.69 -18.17 5.11
N THR A 28 -1.68 -17.43 5.62
CA THR A 28 -2.09 -16.20 4.97
C THR A 28 -1.34 -14.98 5.51
N HIS A 29 -0.27 -15.25 6.24
CA HIS A 29 0.62 -14.21 6.80
C HIS A 29 -0.02 -13.18 7.72
N GLY A 30 -1.08 -13.56 8.42
CA GLY A 30 -1.74 -12.60 9.30
C GLY A 30 -0.99 -12.36 10.59
N TYR A 31 -1.40 -11.33 11.31
CA TYR A 31 -0.82 -10.97 12.60
C TYR A 31 -1.61 -11.78 13.62
N VAL A 32 -1.42 -13.09 13.60
CA VAL A 32 -2.14 -13.99 14.49
C VAL A 32 -1.20 -14.98 15.14
N ASP A 33 -1.56 -15.42 16.34
CA ASP A 33 -0.79 -16.43 17.07
C ASP A 33 -1.74 -17.60 17.36
N TYR A 34 -1.72 -18.59 16.48
CA TYR A 34 -2.58 -19.77 16.66
C TYR A 34 -2.05 -20.61 17.81
N VAL A 35 -2.89 -20.80 18.82
CA VAL A 35 -2.49 -21.55 20.01
C VAL A 35 -3.04 -22.97 20.10
N SER A 36 -2.44 -23.75 20.99
CA SER A 36 -2.82 -25.13 21.19
C SER A 36 -4.15 -25.18 21.92
N ARG A 37 -4.75 -26.37 21.96
CA ARG A 37 -6.03 -26.53 22.63
C ARG A 37 -5.91 -26.20 24.12
N ASP A 38 -4.83 -26.66 24.75
CA ASP A 38 -4.62 -26.40 26.18
C ASP A 38 -4.49 -24.91 26.47
N VAL A 39 -3.70 -24.21 25.67
CA VAL A 39 -3.52 -22.78 25.86
C VAL A 39 -4.84 -22.05 25.60
N ALA A 40 -5.52 -22.43 24.52
CA ALA A 40 -6.80 -21.81 24.16
C ALA A 40 -7.78 -21.95 25.32
N ALA A 41 -7.89 -23.17 25.86
CA ALA A 41 -8.79 -23.42 26.98
C ALA A 41 -8.38 -22.59 28.19
N GLY A 42 -7.08 -22.43 28.39
CA GLY A 42 -6.60 -21.66 29.52
C GLY A 42 -6.77 -20.16 29.36
N ALA A 43 -6.99 -19.72 28.13
CA ALA A 43 -7.16 -18.31 27.83
C ALA A 43 -8.62 -17.95 27.55
N GLY A 44 -9.51 -18.93 27.66
CA GLY A 44 -10.91 -18.69 27.40
C GLY A 44 -11.27 -18.59 25.92
N LEU A 45 -10.35 -19.00 25.04
CA LEU A 45 -10.60 -18.94 23.60
C LEU A 45 -11.53 -20.03 23.10
N ILE A 46 -11.71 -21.08 23.88
CA ILE A 46 -12.61 -22.17 23.50
C ILE A 46 -13.38 -22.67 24.70
N GLY A 47 -14.57 -23.21 24.45
CA GLY A 47 -15.38 -23.73 25.54
C GLY A 47 -16.81 -23.95 25.12
N GLU A 48 -17.70 -23.90 26.09
CA GLU A 48 -19.11 -24.09 25.84
C GLU A 48 -19.86 -22.94 26.52
N ARG A 49 -20.89 -22.44 25.84
CA ARG A 49 -21.68 -21.33 26.37
C ARG A 49 -23.16 -21.71 26.25
N ASP A 50 -23.73 -22.17 27.36
CA ASP A 50 -25.13 -22.60 27.39
C ASP A 50 -25.45 -23.66 26.33
N GLY A 51 -24.56 -24.63 26.18
CA GLY A 51 -24.80 -25.70 25.22
C GLY A 51 -24.23 -25.48 23.83
N ARG A 52 -23.86 -24.24 23.52
CA ARG A 52 -23.28 -23.91 22.22
C ARG A 52 -21.75 -24.00 22.33
N THR A 53 -21.09 -24.42 21.25
CA THR A 53 -19.64 -24.53 21.28
C THR A 53 -19.03 -23.17 20.90
N TYR A 54 -18.15 -22.68 21.76
CA TYR A 54 -17.51 -21.39 21.60
C TYR A 54 -16.05 -21.45 21.13
N MET A 55 -15.72 -20.60 20.16
CA MET A 55 -14.36 -20.49 19.62
C MET A 55 -14.15 -19.00 19.33
N GLY A 56 -13.23 -18.37 20.05
CA GLY A 56 -13.00 -16.95 19.85
C GLY A 56 -11.53 -16.55 19.86
N VAL A 57 -11.27 -15.27 20.09
CA VAL A 57 -9.91 -14.75 20.12
C VAL A 57 -9.62 -13.97 21.40
N ASP A 58 -8.35 -13.66 21.60
CA ASP A 58 -7.93 -12.91 22.77
C ASP A 58 -8.37 -11.45 22.59
N PHE A 59 -9.29 -10.98 23.45
CA PHE A 59 -9.73 -9.60 23.35
C PHE A 59 -9.42 -8.89 24.66
N THR A 60 -8.42 -9.41 25.36
CA THR A 60 -8.00 -8.88 26.65
C THR A 60 -6.61 -8.26 26.69
N ASN A 61 -5.63 -8.99 26.16
CA ASN A 61 -4.24 -8.52 26.21
C ASN A 61 -3.68 -7.86 24.98
N PRO A 62 -2.76 -6.90 25.19
CA PRO A 62 -2.16 -6.24 24.02
C PRO A 62 -1.38 -7.39 23.38
N ALA A 63 -1.32 -7.42 22.06
CA ALA A 63 -0.62 -8.50 21.38
C ALA A 63 0.88 -8.35 21.32
N SER A 64 1.57 -9.48 21.11
CA SER A 64 3.02 -9.52 20.99
C SER A 64 3.39 -10.77 20.20
N GLY A 65 4.67 -10.91 19.84
CA GLY A 65 5.08 -12.08 19.10
C GLY A 65 4.40 -12.20 17.74
N ARG A 66 4.03 -13.42 17.36
CA ARG A 66 3.38 -13.66 16.07
C ARG A 66 2.12 -12.84 15.84
N GLY A 67 1.43 -12.46 16.91
CA GLY A 67 0.23 -11.67 16.75
C GLY A 67 -0.82 -11.92 17.83
N ARG A 68 -2.05 -11.49 17.58
CA ARG A 68 -3.13 -11.69 18.56
C ARG A 68 -3.51 -13.17 18.58
N ARG A 69 -3.73 -13.70 19.78
CA ARG A 69 -4.06 -15.11 19.95
C ARG A 69 -5.43 -15.50 19.41
N SER A 70 -5.47 -16.64 18.73
CA SER A 70 -6.71 -17.17 18.14
C SER A 70 -6.52 -18.66 17.97
N VAL A 71 -7.48 -19.32 17.33
CA VAL A 71 -7.36 -20.76 17.11
C VAL A 71 -7.78 -21.10 15.68
N ARG A 72 -7.20 -22.17 15.14
CA ARG A 72 -7.53 -22.66 13.81
C ARG A 72 -7.71 -24.16 13.95
N LEU A 73 -8.96 -24.61 13.86
CA LEU A 73 -9.27 -26.03 14.00
C LEU A 73 -9.52 -26.68 12.64
N GLU A 74 -8.89 -27.83 12.41
CA GLU A 74 -9.05 -28.57 11.17
C GLU A 74 -9.54 -29.98 11.53
N SER A 75 -10.66 -30.40 10.93
CA SER A 75 -11.24 -31.71 11.25
C SER A 75 -10.34 -32.91 10.99
N LYS A 76 -10.44 -33.90 11.86
CA LYS A 76 -9.67 -35.12 11.72
C LYS A 76 -10.26 -35.94 10.59
N ASN A 77 -11.58 -35.94 10.49
CA ASN A 77 -12.28 -36.68 9.45
C ASN A 77 -12.38 -35.85 8.18
N THR A 78 -12.42 -36.53 7.03
CA THR A 78 -12.53 -35.86 5.74
C THR A 78 -13.71 -36.45 4.96
N TYR A 79 -14.24 -35.66 4.03
CA TYR A 79 -15.39 -36.08 3.23
C TYR A 79 -15.19 -35.71 1.76
N GLU A 80 -15.46 -36.65 0.86
CA GLU A 80 -15.32 -36.40 -0.56
C GLU A 80 -16.62 -35.85 -1.16
N HIS A 81 -17.74 -36.50 -0.84
CA HIS A 81 -19.04 -36.05 -1.32
C HIS A 81 -19.96 -36.00 -0.12
N GLY A 82 -20.87 -35.03 -0.09
CA GLY A 82 -21.77 -34.95 1.05
C GLY A 82 -22.43 -33.61 1.25
N LEU A 83 -23.02 -33.45 2.43
CA LEU A 83 -23.71 -32.21 2.79
C LEU A 83 -23.24 -31.79 4.17
N ILE A 84 -22.67 -30.60 4.26
CA ILE A 84 -22.17 -30.06 5.52
C ILE A 84 -23.14 -28.99 5.99
N VAL A 85 -23.72 -29.19 7.18
CA VAL A 85 -24.69 -28.24 7.72
C VAL A 85 -24.23 -27.68 9.06
N ILE A 86 -24.04 -26.37 9.12
CA ILE A 86 -23.63 -25.75 10.37
C ILE A 86 -24.73 -24.77 10.78
N ASP A 87 -25.11 -24.84 12.05
CA ASP A 87 -26.13 -23.97 12.61
C ASP A 87 -25.38 -23.11 13.61
N LEU A 88 -25.32 -21.81 13.33
CA LEU A 88 -24.60 -20.86 14.18
C LEU A 88 -25.52 -19.86 14.87
N ALA A 89 -25.23 -19.60 16.14
CA ALA A 89 -25.99 -18.62 16.89
C ALA A 89 -25.22 -17.30 16.78
N HIS A 90 -23.93 -17.40 16.46
CA HIS A 90 -23.08 -16.22 16.37
C HIS A 90 -21.81 -16.56 15.59
N MET A 91 -21.31 -15.60 14.81
CA MET A 91 -20.06 -15.79 14.07
C MET A 91 -19.20 -14.56 14.34
N PRO A 92 -17.89 -14.62 14.02
CA PRO A 92 -17.04 -13.45 14.26
C PRO A 92 -17.68 -12.22 13.60
N GLY A 93 -17.77 -11.14 14.36
CA GLY A 93 -18.38 -9.91 13.86
C GLY A 93 -17.63 -9.19 12.76
N SER A 94 -18.21 -8.07 12.31
CA SER A 94 -17.59 -7.26 11.26
C SER A 94 -16.60 -6.35 11.96
N VAL A 95 -15.59 -6.97 12.58
CA VAL A 95 -14.58 -6.25 13.32
C VAL A 95 -13.34 -5.90 12.50
N CYS A 96 -12.99 -4.61 12.51
CA CYS A 96 -11.83 -4.13 11.79
C CYS A 96 -10.56 -4.92 12.12
N GLY A 97 -9.87 -5.37 11.08
CA GLY A 97 -8.63 -6.10 11.27
C GLY A 97 -8.77 -7.61 11.31
N THR A 98 -10.00 -8.11 11.42
CA THR A 98 -10.22 -9.54 11.48
C THR A 98 -10.52 -10.19 10.14
N TRP A 99 -10.30 -11.50 10.08
CA TRP A 99 -10.52 -12.26 8.87
C TRP A 99 -10.95 -13.67 9.27
N PRO A 100 -12.25 -13.83 9.57
CA PRO A 100 -12.79 -15.13 9.99
C PRO A 100 -13.17 -16.00 8.80
N ALA A 101 -13.17 -17.31 9.00
CA ALA A 101 -13.55 -18.22 7.93
C ALA A 101 -13.95 -19.60 8.41
N PHE A 102 -15.00 -20.14 7.81
CA PHE A 102 -15.44 -21.50 8.07
C PHE A 102 -15.32 -22.03 6.65
N TRP A 103 -14.48 -23.03 6.46
CA TRP A 103 -14.23 -23.52 5.11
C TRP A 103 -13.76 -24.96 5.08
N THR A 104 -13.48 -25.46 3.87
CA THR A 104 -12.99 -26.82 3.72
C THR A 104 -11.74 -26.79 2.85
N LEU A 105 -10.86 -27.75 3.09
CA LEU A 105 -9.61 -27.83 2.36
C LEU A 105 -9.33 -29.28 1.95
N GLY A 106 -8.96 -29.47 0.68
CA GLY A 106 -8.66 -30.80 0.19
C GLY A 106 -7.34 -31.35 0.67
N THR A 107 -7.11 -32.63 0.40
CA THR A 107 -5.86 -33.27 0.82
C THR A 107 -4.77 -33.03 -0.22
N GLY A 108 -3.52 -33.15 0.19
CA GLY A 108 -2.41 -32.94 -0.72
C GLY A 108 -1.99 -31.49 -0.77
N ASP A 109 -1.19 -31.13 -1.77
CA ASP A 109 -0.73 -29.76 -1.90
C ASP A 109 -1.82 -28.83 -2.44
N TRP A 110 -2.01 -27.71 -1.75
CA TRP A 110 -2.99 -26.71 -2.15
C TRP A 110 -2.55 -26.12 -3.49
N PRO A 111 -3.48 -25.81 -4.40
CA PRO A 111 -4.95 -25.92 -4.35
C PRO A 111 -5.43 -27.15 -5.10
N TYR A 112 -4.55 -28.11 -5.31
CA TYR A 112 -4.89 -29.31 -6.07
C TYR A 112 -6.01 -30.19 -5.51
N GLY A 113 -6.29 -30.07 -4.22
CA GLY A 113 -7.36 -30.86 -3.65
C GLY A 113 -8.62 -30.01 -3.54
N GLY A 114 -8.51 -28.75 -3.96
CA GLY A 114 -9.64 -27.85 -3.90
C GLY A 114 -9.80 -27.20 -2.54
N GLU A 115 -10.57 -26.12 -2.49
CA GLU A 115 -10.83 -25.39 -1.25
C GLU A 115 -12.20 -24.73 -1.39
N ILE A 116 -13.01 -24.83 -0.35
CA ILE A 116 -14.34 -24.24 -0.38
C ILE A 116 -14.52 -23.27 0.79
N ASP A 117 -14.69 -21.99 0.48
CA ASP A 117 -14.89 -21.01 1.53
C ASP A 117 -16.40 -20.81 1.68
N ILE A 118 -16.95 -21.35 2.77
CA ILE A 118 -18.38 -21.28 3.04
C ILE A 118 -18.78 -19.96 3.68
N ILE A 119 -18.06 -19.56 4.73
CA ILE A 119 -18.31 -18.30 5.42
C ILE A 119 -16.96 -17.61 5.50
N GLU A 120 -16.85 -16.42 4.92
CA GLU A 120 -15.58 -15.70 4.95
C GLU A 120 -15.76 -14.22 4.64
N GLY A 121 -14.88 -13.40 5.22
CA GLY A 121 -14.93 -11.97 4.99
C GLY A 121 -13.84 -11.29 5.78
N VAL A 122 -13.75 -9.97 5.67
CA VAL A 122 -12.72 -9.24 6.41
C VAL A 122 -13.25 -7.91 6.94
N ASN A 123 -12.52 -7.40 7.93
CA ASN A 123 -12.82 -6.11 8.52
C ASN A 123 -14.29 -5.82 8.73
N ASP A 124 -14.78 -4.69 8.23
CA ASP A 124 -16.18 -4.34 8.44
C ASP A 124 -17.17 -4.80 7.36
N ASN A 125 -16.81 -5.88 6.66
CA ASN A 125 -17.67 -6.43 5.61
C ASN A 125 -19.09 -6.69 6.12
N THR A 126 -20.05 -6.51 5.23
CA THR A 126 -21.47 -6.70 5.53
C THR A 126 -21.99 -8.01 4.94
N PHE A 127 -21.57 -8.30 3.71
CA PHE A 127 -22.02 -9.50 3.01
C PHE A 127 -21.01 -10.64 3.01
N ASN A 128 -21.52 -11.85 3.14
CA ASN A 128 -20.67 -13.04 3.14
C ASN A 128 -20.15 -13.34 1.73
N HIS A 129 -18.97 -13.95 1.66
CA HIS A 129 -18.37 -14.35 0.38
C HIS A 129 -18.27 -15.86 0.37
N MET A 130 -18.70 -16.48 -0.72
CA MET A 130 -18.63 -17.93 -0.85
C MET A 130 -17.72 -18.11 -2.05
N VAL A 131 -16.60 -18.81 -1.84
CA VAL A 131 -15.59 -18.93 -2.87
C VAL A 131 -14.94 -20.31 -2.99
N LEU A 132 -14.52 -20.64 -4.21
CA LEU A 132 -13.81 -21.89 -4.45
C LEU A 132 -12.44 -21.51 -4.96
N HIS A 133 -11.43 -22.28 -4.57
CA HIS A 133 -10.06 -22.07 -4.99
C HIS A 133 -9.62 -23.41 -5.55
N THR A 134 -9.20 -23.45 -6.81
CA THR A 134 -8.79 -24.69 -7.45
C THR A 134 -7.53 -24.57 -8.28
N SER A 135 -7.13 -25.68 -8.90
CA SER A 135 -5.99 -25.67 -9.79
C SER A 135 -6.56 -25.14 -11.11
N ASP A 136 -5.70 -24.92 -12.10
CA ASP A 136 -6.14 -24.38 -13.38
C ASP A 136 -7.13 -25.27 -14.13
N GLY A 137 -8.10 -24.65 -14.79
CA GLY A 137 -9.07 -25.40 -15.56
C GLY A 137 -10.42 -25.59 -14.88
N CYS A 138 -10.92 -24.55 -14.20
CA CYS A 138 -12.21 -24.64 -13.52
C CYS A 138 -12.92 -23.30 -13.46
N THR A 139 -13.99 -23.15 -14.24
CA THR A 139 -14.79 -21.93 -14.25
C THR A 139 -16.24 -22.31 -14.02
N ILE A 140 -17.04 -21.37 -13.51
CA ILE A 140 -18.44 -21.65 -13.22
C ILE A 140 -19.42 -20.90 -14.09
N ASP A 141 -20.66 -21.40 -14.16
CA ASP A 141 -21.70 -20.75 -14.94
C ASP A 141 -22.35 -19.69 -14.05
N ASN A 142 -23.00 -18.73 -14.68
CA ASN A 142 -23.65 -17.65 -13.95
C ASN A 142 -25.16 -17.80 -13.87
N ASP A 143 -25.64 -18.79 -13.12
CA ASP A 143 -27.07 -19.02 -12.94
C ASP A 143 -27.33 -20.12 -11.91
N GLY A 144 -28.50 -20.08 -11.29
CA GLY A 144 -28.84 -21.09 -10.30
C GLY A 144 -28.62 -20.67 -8.86
N PHE A 145 -28.25 -19.41 -8.64
CA PHE A 145 -28.03 -18.92 -7.28
C PHE A 145 -28.54 -17.50 -7.12
N THR A 146 -28.76 -17.09 -5.88
CA THR A 146 -29.28 -15.75 -5.58
C THR A 146 -28.22 -14.70 -5.32
N GLY A 147 -27.01 -15.13 -4.98
CA GLY A 147 -25.94 -14.17 -4.73
C GLY A 147 -25.42 -13.51 -6.00
N ASN A 148 -24.50 -12.57 -5.87
CA ASN A 148 -23.93 -11.88 -7.02
C ASN A 148 -22.57 -12.45 -7.39
N LEU A 149 -22.44 -12.94 -8.63
CA LEU A 149 -21.18 -13.50 -9.10
C LEU A 149 -20.14 -12.39 -9.22
N LYS A 150 -18.97 -12.58 -8.62
CA LYS A 150 -17.91 -11.58 -8.70
C LYS A 150 -16.78 -12.05 -9.61
N THR A 151 -16.40 -13.31 -9.51
CA THR A 151 -15.35 -13.88 -10.34
C THR A 151 -15.78 -15.28 -10.77
N SER A 152 -15.60 -15.59 -12.05
CA SER A 152 -16.00 -16.88 -12.60
C SER A 152 -14.90 -17.94 -12.69
N ASN A 153 -13.65 -17.53 -12.60
CA ASN A 153 -12.53 -18.48 -12.69
C ASN A 153 -12.06 -18.89 -11.31
N CYS A 154 -12.22 -20.17 -10.99
CA CYS A 154 -11.83 -20.69 -9.68
C CYS A 154 -10.33 -20.92 -9.52
N TYR A 155 -9.58 -20.90 -10.63
CA TYR A 155 -8.14 -21.09 -10.56
C TYR A 155 -7.55 -19.99 -9.68
N VAL A 156 -6.74 -20.39 -8.70
CA VAL A 156 -6.13 -19.46 -7.76
C VAL A 156 -5.30 -18.36 -8.43
N TYR A 157 -4.77 -18.64 -9.62
CA TYR A 157 -3.97 -17.63 -10.32
C TYR A 157 -4.62 -17.25 -11.64
N ALA A 158 -5.95 -17.26 -11.64
CA ALA A 158 -6.74 -16.92 -12.82
C ALA A 158 -6.30 -15.59 -13.41
N PRO A 159 -6.05 -15.54 -14.72
CA PRO A 159 -5.64 -14.29 -15.36
C PRO A 159 -6.75 -13.26 -15.24
N GLY A 160 -6.38 -12.02 -14.94
CA GLY A 160 -7.38 -10.97 -14.85
C GLY A 160 -8.09 -10.82 -13.51
N GLN A 161 -7.78 -11.67 -12.54
CA GLN A 161 -8.38 -11.60 -11.20
C GLN A 161 -7.26 -11.41 -10.18
N ASP A 162 -7.54 -10.73 -9.07
CA ASP A 162 -6.50 -10.56 -8.06
C ASP A 162 -5.98 -11.94 -7.70
N ALA A 163 -4.71 -12.02 -7.29
CA ALA A 163 -4.10 -13.29 -6.93
C ALA A 163 -4.92 -14.00 -5.86
N ASN A 164 -5.26 -15.26 -6.15
CA ASN A 164 -6.04 -16.10 -5.26
C ASN A 164 -7.45 -15.61 -4.93
N ALA A 165 -8.06 -14.90 -5.85
CA ALA A 165 -9.42 -14.42 -5.62
C ALA A 165 -10.36 -15.62 -5.70
N GLY A 166 -10.01 -16.55 -6.59
CA GLY A 166 -10.84 -17.72 -6.81
C GLY A 166 -12.14 -17.30 -7.48
N CYS A 167 -13.11 -18.20 -7.55
CA CYS A 167 -14.42 -17.87 -8.14
C CYS A 167 -15.34 -17.58 -6.97
N GLY A 168 -15.70 -16.31 -6.80
CA GLY A 168 -16.54 -15.94 -5.67
C GLY A 168 -17.90 -15.37 -5.99
N ILE A 169 -18.84 -15.65 -5.10
CA ILE A 169 -20.22 -15.17 -5.19
C ILE A 169 -20.52 -14.47 -3.87
N GLU A 170 -21.00 -13.23 -3.95
CA GLU A 170 -21.32 -12.46 -2.76
C GLU A 170 -22.80 -12.54 -2.44
N ALA A 171 -23.14 -12.87 -1.18
CA ALA A 171 -24.53 -12.95 -0.77
C ALA A 171 -25.18 -11.58 -0.83
N THR A 172 -26.49 -11.54 -1.08
CA THR A 172 -27.21 -10.27 -1.15
C THR A 172 -27.89 -9.91 0.16
N ASP A 173 -27.96 -10.85 1.09
CA ASP A 173 -28.58 -10.60 2.39
C ASP A 173 -27.56 -9.96 3.35
N PRO A 174 -27.87 -8.75 3.87
CA PRO A 174 -26.97 -8.06 4.79
C PRO A 174 -26.78 -8.83 6.10
N ASN A 175 -27.65 -9.80 6.36
CA ASN A 175 -27.54 -10.60 7.58
C ASN A 175 -26.80 -11.90 7.33
N SER A 176 -26.16 -12.02 6.17
CA SER A 176 -25.44 -13.23 5.83
C SER A 176 -24.06 -13.31 6.47
N TYR A 177 -23.62 -12.24 7.12
CA TYR A 177 -22.28 -12.22 7.69
C TYR A 177 -22.13 -11.26 8.86
N GLY A 178 -21.12 -11.53 9.69
CA GLY A 178 -20.81 -10.68 10.83
C GLY A 178 -21.90 -9.97 11.60
N LYS A 179 -21.80 -8.64 11.65
CA LYS A 179 -22.73 -7.81 12.40
C LYS A 179 -24.20 -8.13 12.20
N GLY A 180 -24.68 -8.13 10.95
CA GLY A 180 -26.07 -8.42 10.69
C GLY A 180 -26.45 -9.83 11.13
N PHE A 181 -25.61 -10.80 10.74
CA PHE A 181 -25.81 -12.20 11.09
C PHE A 181 -26.00 -12.36 12.59
N ASN A 182 -25.16 -11.71 13.37
CA ASN A 182 -25.27 -11.82 14.81
C ASN A 182 -26.48 -11.09 15.38
N SER A 183 -26.90 -9.99 14.75
CA SER A 183 -28.05 -9.24 15.25
C SER A 183 -29.35 -10.05 15.17
N ILE A 184 -29.44 -10.99 14.22
CA ILE A 184 -30.64 -11.81 14.10
C ILE A 184 -30.50 -13.18 14.76
N GLY A 185 -29.41 -13.40 15.47
CA GLY A 185 -29.22 -14.68 16.13
C GLY A 185 -28.63 -15.75 15.24
N GLY A 186 -27.95 -15.34 14.16
CA GLY A 186 -27.33 -16.29 13.28
C GLY A 186 -28.20 -16.94 12.23
N GLY A 187 -27.92 -18.21 11.95
CA GLY A 187 -28.67 -18.94 10.96
C GLY A 187 -27.94 -20.21 10.58
N ILE A 188 -28.29 -20.77 9.43
CA ILE A 188 -27.68 -22.02 8.97
C ILE A 188 -27.05 -21.90 7.58
N TYR A 189 -25.88 -22.50 7.42
CA TYR A 189 -25.18 -22.54 6.14
C TYR A 189 -25.06 -24.02 5.79
N ALA A 190 -25.64 -24.42 4.66
CA ALA A 190 -25.57 -25.81 4.23
C ALA A 190 -24.76 -25.84 2.95
N THR A 191 -23.81 -26.76 2.89
CA THR A 191 -22.94 -26.86 1.72
C THR A 191 -22.98 -28.27 1.14
N GLU A 192 -23.37 -28.39 -0.12
CA GLU A 192 -23.42 -29.70 -0.77
C GLU A 192 -22.31 -29.86 -1.81
N ILE A 193 -21.64 -31.00 -1.78
CA ILE A 193 -20.56 -31.30 -2.70
C ILE A 193 -20.90 -32.58 -3.47
N THR A 194 -21.01 -32.48 -4.78
CA THR A 194 -21.33 -33.64 -5.62
C THR A 194 -20.35 -33.67 -6.78
N PRO A 195 -20.37 -34.77 -7.58
CA PRO A 195 -19.44 -34.83 -8.72
C PRO A 195 -19.83 -33.89 -9.85
N ASN A 196 -20.94 -33.19 -9.66
CA ASN A 196 -21.46 -32.24 -10.65
C ASN A 196 -21.32 -30.79 -10.20
N GLY A 197 -20.87 -30.57 -8.97
CA GLY A 197 -20.73 -29.21 -8.49
C GLY A 197 -20.88 -29.03 -7.00
N ILE A 198 -20.95 -27.76 -6.59
CA ILE A 198 -21.08 -27.40 -5.18
C ILE A 198 -22.15 -26.33 -5.03
N SER A 199 -22.95 -26.42 -3.98
CA SER A 199 -24.01 -25.45 -3.71
C SER A 199 -23.96 -25.05 -2.25
N ILE A 200 -24.29 -23.80 -1.97
CA ILE A 200 -24.29 -23.30 -0.59
C ILE A 200 -25.56 -22.51 -0.33
N TRP A 201 -26.32 -22.95 0.67
CA TRP A 201 -27.57 -22.29 1.05
C TRP A 201 -27.38 -21.53 2.35
N PHE A 202 -28.01 -20.37 2.46
CA PHE A 202 -27.97 -19.61 3.71
C PHE A 202 -29.39 -19.38 4.17
N PHE A 203 -29.71 -19.89 5.35
CA PHE A 203 -31.04 -19.73 5.92
C PHE A 203 -30.94 -18.87 7.17
N PRO A 204 -31.34 -17.60 7.08
CA PRO A 204 -31.26 -16.75 8.27
C PRO A 204 -32.15 -17.32 9.37
N ARG A 205 -31.76 -17.13 10.62
CA ARG A 205 -32.51 -17.64 11.76
C ARG A 205 -34.02 -17.62 11.56
N GLY A 206 -34.66 -18.78 11.71
CA GLY A 206 -36.09 -18.87 11.57
C GLY A 206 -36.63 -19.26 10.20
N SER A 207 -35.81 -19.17 9.17
CA SER A 207 -36.27 -19.49 7.82
C SER A 207 -35.78 -20.84 7.29
N GLU A 208 -35.24 -21.69 8.16
CA GLU A 208 -34.73 -22.98 7.72
C GLU A 208 -35.84 -23.99 7.45
N PRO A 209 -35.64 -24.87 6.46
CA PRO A 209 -36.65 -25.89 6.16
C PRO A 209 -36.75 -26.93 7.29
N GLY A 210 -37.84 -27.68 7.31
CA GLY A 210 -38.04 -28.66 8.37
C GLY A 210 -37.11 -29.85 8.46
N ASP A 211 -36.37 -30.15 7.39
CA ASP A 211 -35.47 -31.30 7.40
C ASP A 211 -33.99 -30.97 7.48
N VAL A 212 -33.66 -29.68 7.40
CA VAL A 212 -32.25 -29.24 7.41
C VAL A 212 -31.45 -29.66 8.64
N LEU A 213 -32.10 -29.83 9.78
CA LEU A 213 -31.39 -30.23 10.99
C LEU A 213 -31.64 -31.70 11.33
N GLY A 214 -32.57 -32.32 10.60
CA GLY A 214 -32.90 -33.72 10.84
C GLY A 214 -31.84 -34.70 10.36
N ASP A 215 -32.22 -35.98 10.30
CA ASP A 215 -31.29 -37.03 9.89
C ASP A 215 -31.30 -37.32 8.39
N ASN A 216 -32.27 -36.78 7.67
CA ASN A 216 -32.35 -37.02 6.24
C ASN A 216 -32.71 -35.78 5.42
N PRO A 217 -31.82 -34.77 5.43
CA PRO A 217 -32.11 -33.56 4.67
C PRO A 217 -32.17 -33.85 3.16
N ASN A 218 -32.96 -33.07 2.45
CA ASN A 218 -33.08 -33.23 1.00
C ASN A 218 -33.03 -31.86 0.36
N PRO A 219 -31.82 -31.39 0.00
CA PRO A 219 -31.60 -30.09 -0.63
C PRO A 219 -32.41 -29.87 -1.89
N ALA A 220 -32.86 -30.96 -2.51
CA ALA A 220 -33.65 -30.88 -3.74
C ALA A 220 -34.93 -30.06 -3.58
N ASN A 221 -35.49 -30.02 -2.37
CA ASN A 221 -36.71 -29.26 -2.17
C ASN A 221 -36.50 -27.92 -1.46
N TRP A 222 -35.24 -27.52 -1.28
CA TRP A 222 -34.94 -26.24 -0.63
C TRP A 222 -35.01 -25.08 -1.62
N ASP A 223 -35.12 -23.87 -1.10
CA ASP A 223 -35.15 -22.69 -1.95
C ASP A 223 -33.83 -22.60 -2.70
N THR A 224 -33.77 -21.67 -3.65
CA THR A 224 -32.57 -21.46 -4.46
C THR A 224 -31.36 -21.21 -3.56
N PRO A 225 -30.23 -21.86 -3.85
CA PRO A 225 -29.04 -21.64 -3.02
C PRO A 225 -28.51 -20.22 -3.19
N ALA A 226 -27.74 -19.75 -2.21
CA ALA A 226 -27.16 -18.41 -2.27
C ALA A 226 -26.00 -18.39 -3.29
N ALA A 227 -25.34 -19.53 -3.41
CA ALA A 227 -24.23 -19.68 -4.34
C ALA A 227 -24.25 -21.09 -4.93
N LYS A 228 -23.94 -21.18 -6.21
CA LYS A 228 -23.91 -22.46 -6.90
C LYS A 228 -22.71 -22.45 -7.83
N PHE A 229 -21.92 -23.52 -7.79
CA PHE A 229 -20.73 -23.62 -8.61
C PHE A 229 -20.87 -24.86 -9.47
N ALA A 230 -21.05 -24.66 -10.76
CA ALA A 230 -21.22 -25.79 -11.68
C ALA A 230 -21.07 -25.35 -13.13
N GLY A 231 -21.15 -26.33 -14.02
CA GLY A 231 -21.03 -26.06 -15.45
C GLY A 231 -19.97 -26.92 -16.10
N GLY A 232 -20.02 -27.02 -17.43
CA GLY A 232 -19.06 -27.83 -18.16
C GLY A 232 -17.66 -27.26 -18.21
N GLY A 233 -17.45 -26.13 -17.54
CA GLY A 233 -16.13 -25.53 -17.54
C GLY A 233 -15.23 -26.04 -16.43
N CYS A 234 -15.63 -27.12 -15.77
CA CYS A 234 -14.84 -27.67 -14.67
C CYS A 234 -15.07 -29.16 -14.46
N ASP A 235 -14.00 -29.88 -14.16
CA ASP A 235 -14.11 -31.31 -13.87
C ASP A 235 -14.31 -31.35 -12.36
N TRP A 236 -15.56 -31.15 -11.95
CA TRP A 236 -15.91 -31.12 -10.53
C TRP A 236 -15.42 -32.30 -9.69
N GLU A 237 -15.45 -33.49 -10.27
CA GLU A 237 -15.01 -34.67 -9.54
C GLU A 237 -13.51 -34.66 -9.28
N GLY A 238 -12.73 -34.32 -10.30
CA GLY A 238 -11.28 -34.30 -10.16
C GLY A 238 -10.66 -33.08 -9.50
N LYS A 239 -11.35 -31.95 -9.51
CA LYS A 239 -10.80 -30.74 -8.91
C LYS A 239 -10.85 -30.74 -7.38
N PHE A 240 -11.74 -31.53 -6.82
CA PHE A 240 -11.87 -31.60 -5.36
C PHE A 240 -11.74 -33.03 -4.84
N ASN A 241 -11.00 -33.22 -3.75
CA ASN A 241 -10.87 -34.55 -3.16
C ASN A 241 -11.38 -34.50 -1.72
N ALA A 242 -10.94 -35.43 -0.88
CA ALA A 242 -11.39 -35.47 0.51
C ALA A 242 -11.20 -34.12 1.21
N GLN A 243 -12.29 -33.52 1.68
CA GLN A 243 -12.26 -32.22 2.33
C GLN A 243 -12.31 -32.26 3.86
N ARG A 244 -11.47 -31.46 4.51
CA ARG A 244 -11.53 -31.38 5.96
C ARG A 244 -12.16 -30.02 6.30
N LEU A 245 -12.88 -29.96 7.41
CA LEU A 245 -13.55 -28.73 7.84
C LEU A 245 -12.61 -27.87 8.67
N ILE A 246 -12.64 -26.56 8.44
CA ILE A 246 -11.75 -25.66 9.17
C ILE A 246 -12.45 -24.42 9.72
N PHE A 247 -12.12 -24.07 10.96
CA PHE A 247 -12.64 -22.89 11.64
C PHE A 247 -11.41 -22.04 11.98
N ASP A 248 -11.44 -20.75 11.64
CA ASP A 248 -10.32 -19.90 12.02
C ASP A 248 -10.67 -18.43 11.99
N VAL A 249 -9.85 -17.65 12.69
CA VAL A 249 -9.97 -16.21 12.68
C VAL A 249 -8.52 -15.72 12.68
N THR A 250 -8.12 -15.09 11.59
CA THR A 250 -6.76 -14.55 11.55
C THR A 250 -6.93 -13.04 11.57
N PHE A 251 -5.81 -12.29 11.56
CA PHE A 251 -5.85 -10.83 11.61
C PHE A 251 -4.94 -10.26 10.52
N CYS A 252 -5.35 -9.14 9.93
CA CYS A 252 -4.59 -8.50 8.87
C CYS A 252 -4.21 -9.50 7.79
N GLY A 253 -2.93 -9.61 7.45
CA GLY A 253 -2.52 -10.57 6.45
C GLY A 253 -2.81 -10.24 4.99
N ASP A 254 -2.74 -11.24 4.13
CA ASP A 254 -2.92 -11.06 2.70
C ASP A 254 -4.19 -10.38 2.22
N TRP A 255 -5.31 -10.58 2.90
CA TRP A 255 -6.55 -9.93 2.50
C TRP A 255 -6.88 -8.74 3.43
N ALA A 256 -7.27 -9.03 4.67
CA ALA A 256 -7.64 -7.98 5.62
C ALA A 256 -6.59 -6.88 5.78
N GLY A 257 -5.32 -7.29 5.90
CA GLY A 257 -4.27 -6.30 6.05
C GLY A 257 -4.03 -5.50 4.79
N ASN A 258 -4.10 -6.19 3.65
CA ASN A 258 -3.87 -5.55 2.36
C ASN A 258 -4.93 -4.51 1.98
N VAL A 259 -6.19 -4.73 2.37
CA VAL A 259 -7.25 -3.79 2.02
C VAL A 259 -7.62 -2.84 3.17
N TRP A 260 -6.84 -2.89 4.25
CA TRP A 260 -7.10 -2.05 5.42
C TRP A 260 -7.21 -0.55 5.10
N GLY A 261 -6.25 -0.04 4.33
CA GLY A 261 -6.23 1.36 3.99
C GLY A 261 -7.26 1.93 3.02
N ILE A 262 -7.95 1.08 2.28
CA ILE A 262 -8.94 1.60 1.34
C ILE A 262 -10.38 1.53 1.86
N GLY A 263 -10.60 0.77 2.92
CA GLY A 263 -11.93 0.63 3.48
C GLY A 263 -12.26 1.54 4.65
N GLY A 264 -13.35 1.21 5.34
CA GLY A 264 -13.78 2.02 6.47
C GLY A 264 -12.95 1.90 7.74
N CYS A 265 -11.99 0.98 7.76
CA CYS A 265 -11.16 0.81 8.95
C CYS A 265 -9.92 1.69 8.91
N ALA A 266 -9.67 2.29 7.75
CA ALA A 266 -8.51 3.15 7.58
C ALA A 266 -8.37 4.22 8.66
N SER A 267 -9.49 4.70 9.17
CA SER A 267 -9.46 5.74 10.21
C SER A 267 -9.16 5.24 11.61
N ARG A 268 -9.16 3.92 11.81
CA ARG A 268 -8.89 3.36 13.14
C ARG A 268 -7.42 3.42 13.52
N ALA A 269 -6.55 3.36 12.51
CA ALA A 269 -5.11 3.42 12.71
C ALA A 269 -4.47 3.43 11.34
N ALA A 270 -3.21 3.83 11.26
CA ALA A 270 -2.51 3.88 9.99
C ALA A 270 -2.36 2.48 9.39
N ASN A 271 -2.12 1.50 10.24
CA ASN A 271 -1.95 0.12 9.78
C ASN A 271 -2.80 -0.86 10.57
N CYS A 272 -3.12 -1.97 9.91
CA CYS A 272 -3.94 -3.03 10.53
C CYS A 272 -3.24 -3.59 11.76
N VAL A 273 -1.96 -3.90 11.63
CA VAL A 273 -1.19 -4.47 12.73
C VAL A 273 -1.25 -3.60 13.99
N ASP A 274 -1.03 -2.29 13.84
CA ASP A 274 -1.05 -1.40 14.99
C ASP A 274 -2.38 -1.46 15.71
N PHE A 275 -3.46 -1.54 14.95
CA PHE A 275 -4.79 -1.58 15.54
C PHE A 275 -5.01 -2.88 16.31
N VAL A 276 -4.71 -4.01 15.66
CA VAL A 276 -4.89 -5.32 16.27
C VAL A 276 -4.03 -5.51 17.52
N ARG A 277 -2.80 -5.01 17.48
CA ARG A 277 -1.89 -5.14 18.61
C ARG A 277 -2.31 -4.31 19.83
N ASP A 278 -2.67 -3.06 19.60
CA ASP A 278 -3.02 -2.16 20.71
C ASP A 278 -4.48 -2.02 21.15
N ASN A 279 -5.42 -2.66 20.46
CA ASN A 279 -6.82 -2.52 20.84
C ASN A 279 -7.52 -3.85 21.11
N PRO A 280 -7.08 -4.56 22.15
CA PRO A 280 -7.70 -5.85 22.47
C PRO A 280 -9.22 -5.85 22.61
N SER A 281 -9.76 -4.84 23.30
CA SER A 281 -11.20 -4.79 23.53
C SER A 281 -12.05 -4.81 22.27
N ALA A 282 -11.46 -4.40 21.15
CA ALA A 282 -12.20 -4.36 19.89
C ALA A 282 -12.62 -5.71 19.34
N PHE A 283 -11.96 -6.78 19.80
CA PHE A 283 -12.24 -8.10 19.26
C PHE A 283 -13.17 -9.02 20.06
N ALA A 284 -13.95 -8.44 20.96
CA ALA A 284 -14.87 -9.25 21.78
C ALA A 284 -15.92 -9.98 20.94
N GLU A 285 -16.33 -9.38 19.82
CA GLU A 285 -17.34 -9.98 18.94
C GLU A 285 -16.79 -11.02 17.97
N SER A 286 -15.48 -11.24 17.99
CA SER A 286 -14.85 -12.19 17.06
C SER A 286 -14.88 -13.65 17.53
N TYR A 287 -16.07 -14.21 17.66
CA TYR A 287 -16.19 -15.60 18.09
C TYR A 287 -17.31 -16.35 17.38
N TRP A 288 -17.14 -17.67 17.34
CA TRP A 288 -18.13 -18.55 16.75
C TRP A 288 -18.92 -19.14 17.92
N LEU A 289 -20.21 -19.38 17.70
CA LEU A 289 -21.05 -20.00 18.71
C LEU A 289 -21.86 -21.00 17.89
N VAL A 290 -21.46 -22.26 17.98
CA VAL A 290 -22.09 -23.33 17.21
C VAL A 290 -23.21 -24.07 17.93
N ASN A 291 -24.38 -24.13 17.29
CA ASN A 291 -25.51 -24.86 17.82
C ASN A 291 -25.28 -26.32 17.43
N SER A 292 -24.94 -26.54 16.16
CA SER A 292 -24.68 -27.89 15.67
C SER A 292 -23.87 -27.89 14.38
N LEU A 293 -23.12 -28.98 14.17
CA LEU A 293 -22.31 -29.18 12.98
C LEU A 293 -22.50 -30.64 12.63
N ARG A 294 -23.16 -30.90 11.51
CA ARG A 294 -23.44 -32.26 11.09
C ARG A 294 -23.10 -32.47 9.63
N VAL A 295 -22.53 -33.62 9.31
CA VAL A 295 -22.16 -33.94 7.95
C VAL A 295 -22.95 -35.15 7.47
N TYR A 296 -23.46 -35.06 6.24
CA TYR A 296 -24.27 -36.13 5.66
C TYR A 296 -23.61 -36.65 4.39
N ALA A 297 -23.99 -37.85 3.99
CA ALA A 297 -23.44 -38.45 2.78
C ALA A 297 -24.57 -39.04 1.95
N PRO A 298 -24.40 -39.06 0.62
CA PRO A 298 -25.44 -39.62 -0.23
C PRO A 298 -25.51 -41.13 -0.04
N PHE B 2 34.12 0.83 -16.51
CA PHE B 2 32.78 0.41 -15.98
C PHE B 2 32.21 -0.77 -16.74
N TYR B 3 31.88 -0.55 -18.02
CA TYR B 3 31.33 -1.63 -18.82
C TYR B 3 32.15 -1.93 -20.06
N HIS B 4 32.26 -3.22 -20.38
CA HIS B 4 32.98 -3.66 -21.56
C HIS B 4 32.08 -4.67 -22.28
N LEU B 5 32.23 -4.75 -23.59
CA LEU B 5 31.40 -5.65 -24.40
C LEU B 5 31.66 -7.13 -24.13
N VAL B 6 30.59 -7.91 -24.01
CA VAL B 6 30.74 -9.34 -23.80
C VAL B 6 30.05 -10.09 -24.92
N ASP B 7 29.04 -9.47 -25.52
CA ASP B 7 28.30 -10.10 -26.62
C ASP B 7 27.64 -9.11 -27.57
N ASP B 8 28.07 -9.14 -28.83
CA ASP B 8 27.48 -8.30 -29.87
C ASP B 8 26.77 -9.32 -30.76
N TYR B 9 25.43 -9.27 -30.80
CA TYR B 9 24.67 -10.25 -31.57
C TYR B 9 24.74 -10.15 -33.09
N GLY B 10 25.39 -9.11 -33.61
CA GLY B 10 25.50 -8.99 -35.05
C GLY B 10 24.15 -8.87 -35.73
N ARG B 11 23.99 -9.55 -36.86
CA ARG B 11 22.72 -9.48 -37.60
C ARG B 11 22.46 -10.71 -38.46
N GLY B 12 21.22 -10.83 -38.94
CA GLY B 12 20.85 -11.95 -39.78
C GLY B 12 21.14 -13.32 -39.19
N ASN B 13 21.62 -14.23 -40.03
CA ASN B 13 21.91 -15.57 -39.55
C ASN B 13 22.88 -15.63 -38.38
N GLY B 14 23.84 -14.70 -38.36
CA GLY B 14 24.78 -14.68 -37.25
C GLY B 14 24.04 -14.39 -35.96
N PHE B 15 23.02 -13.54 -36.07
CA PHE B 15 22.19 -13.15 -34.94
C PHE B 15 21.35 -14.35 -34.50
N PHE B 16 20.65 -14.97 -35.45
CA PHE B 16 19.82 -16.12 -35.15
C PHE B 16 20.59 -17.30 -34.58
N ASP B 17 21.86 -17.44 -34.94
CA ASP B 17 22.68 -18.54 -34.42
C ASP B 17 22.88 -18.44 -32.92
N LYS B 18 22.64 -17.27 -32.36
CA LYS B 18 22.82 -17.07 -30.93
C LYS B 18 21.57 -17.32 -30.11
N PHE B 19 20.50 -17.77 -30.77
CA PHE B 19 19.23 -18.06 -30.11
C PHE B 19 18.70 -19.45 -30.40
N ASN B 20 17.91 -19.98 -29.47
CA ASN B 20 17.24 -21.27 -29.64
C ASN B 20 15.79 -20.89 -29.91
N PHE B 21 15.17 -21.50 -30.92
CA PHE B 21 13.78 -21.19 -31.23
C PHE B 21 12.83 -22.12 -30.47
N PHE B 22 12.01 -21.52 -29.62
CA PHE B 22 11.02 -22.24 -28.81
C PHE B 22 9.85 -22.63 -29.71
N THR B 23 9.43 -23.89 -29.65
CA THR B 23 8.32 -24.36 -30.48
C THR B 23 7.21 -25.11 -29.73
N GLY B 24 7.25 -25.08 -28.40
CA GLY B 24 6.23 -25.75 -27.62
C GLY B 24 4.97 -24.90 -27.59
N ASP B 25 3.92 -25.37 -26.93
CA ASP B 25 2.69 -24.58 -26.86
C ASP B 25 3.00 -23.34 -26.03
N ASP B 26 2.39 -22.22 -26.37
CA ASP B 26 2.63 -20.98 -25.64
C ASP B 26 2.36 -21.07 -24.15
N PRO B 27 3.38 -20.76 -23.32
CA PRO B 27 3.20 -20.82 -21.87
C PRO B 27 2.11 -19.85 -21.41
N THR B 28 1.89 -18.79 -22.17
CA THR B 28 0.87 -17.81 -21.80
C THR B 28 -0.48 -18.12 -22.42
N HIS B 29 -0.61 -19.34 -22.95
CA HIS B 29 -1.87 -19.82 -23.52
C HIS B 29 -2.46 -19.00 -24.67
N GLY B 30 -1.61 -18.34 -25.44
CA GLY B 30 -2.12 -17.54 -26.54
C GLY B 30 -2.50 -18.35 -27.76
N TYR B 31 -3.14 -17.68 -28.72
CA TYR B 31 -3.57 -18.30 -29.97
C TYR B 31 -2.40 -18.10 -30.94
N VAL B 32 -1.29 -18.79 -30.66
CA VAL B 32 -0.08 -18.66 -31.46
C VAL B 32 0.52 -20.01 -31.78
N ASP B 33 1.21 -20.08 -32.91
CA ASP B 33 1.89 -21.30 -33.35
C ASP B 33 3.37 -20.96 -33.51
N TYR B 34 4.16 -21.17 -32.46
CA TYR B 34 5.59 -20.88 -32.53
C TYR B 34 6.28 -21.91 -33.42
N VAL B 35 6.92 -21.44 -34.50
CA VAL B 35 7.58 -22.35 -35.43
C VAL B 35 9.11 -22.33 -35.33
N SER B 36 9.73 -23.34 -35.93
CA SER B 36 11.18 -23.47 -35.92
C SER B 36 11.84 -22.42 -36.78
N ARG B 37 13.15 -22.26 -36.61
CA ARG B 37 13.91 -21.28 -37.38
C ARG B 37 13.78 -21.53 -38.89
N ASP B 38 13.86 -22.78 -39.30
CA ASP B 38 13.75 -23.11 -40.72
C ASP B 38 12.38 -22.78 -41.28
N VAL B 39 11.33 -23.14 -40.55
CA VAL B 39 9.98 -22.86 -41.00
C VAL B 39 9.80 -21.35 -41.06
N ALA B 40 10.31 -20.66 -40.04
CA ALA B 40 10.22 -19.21 -39.96
C ALA B 40 10.89 -18.54 -41.16
N ALA B 41 12.09 -19.00 -41.51
CA ALA B 41 12.81 -18.45 -42.64
C ALA B 41 12.02 -18.71 -43.92
N GLY B 42 11.50 -19.91 -44.05
CA GLY B 42 10.71 -20.27 -45.23
C GLY B 42 9.40 -19.53 -45.35
N ALA B 43 8.94 -18.93 -44.25
CA ALA B 43 7.68 -18.19 -44.26
C ALA B 43 7.89 -16.68 -44.20
N GLY B 44 9.15 -16.25 -44.27
CA GLY B 44 9.46 -14.84 -44.21
C GLY B 44 9.25 -14.21 -42.83
N LEU B 45 9.22 -15.03 -41.79
CA LEU B 45 9.04 -14.53 -40.43
C LEU B 45 10.33 -14.00 -39.81
N ILE B 46 11.46 -14.40 -40.38
CA ILE B 46 12.76 -13.92 -39.89
C ILE B 46 13.65 -13.68 -41.08
N GLY B 47 14.63 -12.80 -40.92
CA GLY B 47 15.54 -12.53 -42.01
C GLY B 47 16.28 -11.24 -41.77
N GLU B 48 16.76 -10.64 -42.85
CA GLU B 48 17.50 -9.39 -42.78
C GLU B 48 16.85 -8.40 -43.74
N ARG B 49 16.76 -7.13 -43.32
CA ARG B 49 16.16 -6.10 -44.15
C ARG B 49 17.09 -4.89 -44.18
N ASP B 50 17.84 -4.76 -45.26
CA ASP B 50 18.80 -3.66 -45.41
C ASP B 50 19.71 -3.53 -44.19
N GLY B 51 20.27 -4.65 -43.74
CA GLY B 51 21.17 -4.61 -42.60
C GLY B 51 20.56 -4.79 -41.23
N ARG B 52 19.25 -4.66 -41.11
CA ARG B 52 18.57 -4.83 -39.82
C ARG B 52 18.04 -6.26 -39.73
N THR B 53 18.00 -6.82 -38.52
CA THR B 53 17.49 -8.17 -38.34
C THR B 53 15.97 -8.09 -38.16
N TYR B 54 15.25 -8.89 -38.94
CA TYR B 54 13.78 -8.91 -38.92
C TYR B 54 13.19 -10.15 -38.26
N MET B 55 12.18 -9.92 -37.42
CA MET B 55 11.46 -11.00 -36.72
C MET B 55 9.99 -10.54 -36.66
N GLY B 56 9.12 -11.25 -37.36
CA GLY B 56 7.71 -10.89 -37.36
C GLY B 56 6.77 -12.06 -37.26
N VAL B 57 5.53 -11.87 -37.73
CA VAL B 57 4.53 -12.91 -37.68
C VAL B 57 3.85 -13.09 -39.04
N ASP B 58 3.12 -14.19 -39.18
CA ASP B 58 2.39 -14.50 -40.41
C ASP B 58 1.24 -13.49 -40.55
N PHE B 59 1.30 -12.63 -41.58
CA PHE B 59 0.23 -11.66 -41.79
C PHE B 59 -0.38 -11.92 -43.17
N THR B 60 -0.24 -13.16 -43.62
CA THR B 60 -0.73 -13.57 -44.93
C THR B 60 -1.85 -14.59 -44.91
N ASN B 61 -1.66 -15.68 -44.17
CA ASN B 61 -2.67 -16.73 -44.14
C ASN B 61 -3.65 -16.74 -42.98
N PRO B 62 -4.90 -17.17 -43.24
CA PRO B 62 -5.84 -17.22 -42.11
C PRO B 62 -5.25 -18.30 -41.21
N ALA B 63 -5.31 -18.10 -39.90
CA ALA B 63 -4.73 -19.06 -38.97
C ALA B 63 -5.48 -20.39 -38.85
N SER B 64 -4.78 -21.39 -38.37
CA SER B 64 -5.33 -22.73 -38.16
C SER B 64 -4.48 -23.40 -37.09
N GLY B 65 -4.91 -24.56 -36.61
CA GLY B 65 -4.14 -25.26 -35.60
C GLY B 65 -3.98 -24.48 -34.31
N ARG B 66 -2.76 -24.47 -33.78
CA ARG B 66 -2.47 -23.77 -32.53
C ARG B 66 -2.75 -22.26 -32.55
N GLY B 67 -2.64 -21.64 -33.71
CA GLY B 67 -2.87 -20.21 -33.80
C GLY B 67 -2.05 -19.56 -34.91
N ARG B 68 -1.99 -18.24 -34.91
CA ARG B 68 -1.23 -17.54 -35.94
C ARG B 68 0.26 -17.79 -35.75
N ARG B 69 0.98 -18.03 -36.85
CA ARG B 69 2.41 -18.33 -36.78
C ARG B 69 3.29 -17.15 -36.35
N SER B 70 4.21 -17.45 -35.44
CA SER B 70 5.13 -16.45 -34.90
C SER B 70 6.39 -17.18 -34.44
N VAL B 71 7.33 -16.44 -33.86
CA VAL B 71 8.56 -17.04 -33.35
C VAL B 71 8.86 -16.52 -31.95
N ARG B 72 9.53 -17.36 -31.17
CA ARG B 72 9.94 -16.98 -29.81
C ARG B 72 11.39 -17.42 -29.68
N LEU B 73 12.29 -16.44 -29.63
CA LEU B 73 13.73 -16.71 -29.53
C LEU B 73 14.27 -16.50 -28.12
N GLU B 74 15.04 -17.46 -27.64
CA GLU B 74 15.63 -17.41 -26.31
C GLU B 74 17.13 -17.55 -26.48
N SER B 75 17.89 -16.58 -25.98
CA SER B 75 19.34 -16.60 -26.15
C SER B 75 20.04 -17.81 -25.55
N LYS B 76 21.10 -18.25 -26.22
CA LYS B 76 21.89 -19.38 -25.78
C LYS B 76 22.74 -18.98 -24.58
N ASN B 77 23.22 -17.73 -24.59
CA ASN B 77 24.03 -17.22 -23.49
C ASN B 77 23.14 -16.58 -22.42
N THR B 78 23.63 -16.58 -21.18
CA THR B 78 22.90 -15.99 -20.07
C THR B 78 23.80 -14.95 -19.39
N TYR B 79 23.19 -13.95 -18.77
CA TYR B 79 23.94 -12.89 -18.12
C TYR B 79 23.38 -12.61 -16.74
N GLU B 80 24.22 -12.58 -15.72
CA GLU B 80 23.72 -12.31 -14.38
C GLU B 80 23.76 -10.81 -14.10
N HIS B 81 24.93 -10.20 -14.23
CA HIS B 81 25.06 -8.78 -14.03
C HIS B 81 25.52 -8.17 -15.35
N GLY B 82 24.96 -7.02 -15.71
CA GLY B 82 25.36 -6.40 -16.96
C GLY B 82 24.45 -5.30 -17.47
N LEU B 83 24.69 -4.92 -18.73
CA LEU B 83 23.92 -3.87 -19.39
C LEU B 83 23.47 -4.42 -20.74
N ILE B 84 22.16 -4.48 -20.95
CA ILE B 84 21.60 -4.97 -22.20
C ILE B 84 21.09 -3.79 -23.01
N VAL B 85 21.66 -3.59 -24.19
CA VAL B 85 21.27 -2.47 -25.05
C VAL B 85 20.73 -2.91 -26.39
N ILE B 86 19.47 -2.59 -26.66
CA ILE B 86 18.89 -2.95 -27.93
C ILE B 86 18.50 -1.68 -28.67
N ASP B 87 18.87 -1.61 -29.95
CA ASP B 87 18.57 -0.47 -30.81
C ASP B 87 17.61 -1.00 -31.86
N LEU B 88 16.38 -0.53 -31.82
CA LEU B 88 15.34 -0.97 -32.75
C LEU B 88 14.87 0.14 -33.68
N ALA B 89 14.66 -0.23 -34.95
CA ALA B 89 14.17 0.73 -35.93
C ALA B 89 12.65 0.58 -36.00
N HIS B 90 12.16 -0.56 -35.50
CA HIS B 90 10.72 -0.87 -35.54
C HIS B 90 10.44 -1.98 -34.52
N MET B 91 9.26 -1.97 -33.94
CA MET B 91 8.86 -3.01 -32.99
C MET B 91 7.43 -3.37 -33.35
N PRO B 92 6.93 -4.51 -32.82
CA PRO B 92 5.54 -4.85 -33.15
C PRO B 92 4.63 -3.69 -32.82
N GLY B 93 3.77 -3.33 -33.76
CA GLY B 93 2.86 -2.22 -33.57
C GLY B 93 1.76 -2.43 -32.56
N SER B 94 0.99 -1.37 -32.33
CA SER B 94 -0.11 -1.42 -31.38
C SER B 94 -1.26 -2.14 -32.08
N VAL B 95 -1.03 -3.39 -32.46
CA VAL B 95 -2.03 -4.16 -33.17
C VAL B 95 -2.95 -5.01 -32.29
N CYS B 96 -4.25 -4.85 -32.51
CA CYS B 96 -5.25 -5.58 -31.77
C CYS B 96 -5.03 -7.10 -31.80
N GLY B 97 -5.05 -7.70 -30.61
CA GLY B 97 -4.87 -9.14 -30.50
C GLY B 97 -3.45 -9.62 -30.28
N THR B 98 -2.47 -8.72 -30.45
CA THR B 98 -1.07 -9.09 -30.30
C THR B 98 -0.50 -8.80 -28.91
N TRP B 99 0.56 -9.51 -28.57
CA TRP B 99 1.22 -9.37 -27.28
C TRP B 99 2.71 -9.58 -27.52
N PRO B 100 3.41 -8.53 -27.98
CA PRO B 100 4.85 -8.62 -28.24
C PRO B 100 5.64 -8.39 -26.96
N ALA B 101 6.85 -8.92 -26.92
CA ALA B 101 7.68 -8.72 -25.74
C ALA B 101 9.16 -8.98 -25.97
N PHE B 102 9.99 -8.12 -25.39
CA PHE B 102 11.44 -8.28 -25.40
C PHE B 102 11.72 -8.32 -23.91
N TRP B 103 12.17 -9.45 -23.42
CA TRP B 103 12.38 -9.62 -22.00
C TRP B 103 13.50 -10.59 -21.66
N THR B 104 13.72 -10.81 -20.38
CA THR B 104 14.75 -11.72 -19.92
C THR B 104 14.15 -12.68 -18.91
N LEU B 105 14.67 -13.90 -18.90
CA LEU B 105 14.18 -14.93 -18.00
C LEU B 105 15.35 -15.60 -17.29
N GLY B 106 15.22 -15.75 -15.98
CA GLY B 106 16.26 -16.37 -15.20
C GLY B 106 16.30 -17.87 -15.39
N THR B 107 17.34 -18.49 -14.87
CA THR B 107 17.52 -19.93 -14.95
C THR B 107 16.81 -20.59 -13.77
N GLY B 108 16.41 -21.85 -13.95
CA GLY B 108 15.73 -22.55 -12.88
C GLY B 108 14.22 -22.43 -12.98
N ASP B 109 13.53 -22.81 -11.92
CA ASP B 109 12.07 -22.75 -11.89
C ASP B 109 11.54 -21.33 -11.76
N TRP B 110 10.64 -20.96 -12.66
CA TRP B 110 10.03 -19.64 -12.65
C TRP B 110 9.18 -19.55 -11.37
N PRO B 111 9.17 -18.38 -10.71
CA PRO B 111 9.88 -17.14 -11.04
C PRO B 111 11.08 -16.95 -10.13
N TYR B 112 11.61 -18.05 -9.58
CA TYR B 112 12.73 -17.96 -8.66
C TYR B 112 14.00 -17.38 -9.28
N GLY B 113 14.13 -17.50 -10.59
CA GLY B 113 15.30 -16.95 -11.27
C GLY B 113 15.06 -15.51 -11.65
N GLY B 114 13.82 -15.06 -11.48
CA GLY B 114 13.47 -13.70 -11.83
C GLY B 114 13.09 -13.55 -13.29
N GLU B 115 12.48 -12.43 -13.62
CA GLU B 115 12.06 -12.13 -14.99
C GLU B 115 11.99 -10.61 -15.15
N ILE B 116 12.46 -10.11 -16.29
CA ILE B 116 12.46 -8.67 -16.56
C ILE B 116 11.79 -8.37 -17.89
N ASP B 117 10.66 -7.65 -17.85
CA ASP B 117 9.98 -7.31 -19.09
C ASP B 117 10.41 -5.90 -19.46
N ILE B 118 11.27 -5.81 -20.47
CA ILE B 118 11.82 -4.53 -20.95
C ILE B 118 10.85 -3.81 -21.88
N ILE B 119 10.36 -4.53 -22.89
CA ILE B 119 9.39 -3.98 -23.84
C ILE B 119 8.23 -4.97 -23.86
N GLU B 120 7.04 -4.52 -23.48
CA GLU B 120 5.88 -5.40 -23.48
C GLU B 120 4.59 -4.61 -23.49
N GLY B 121 3.59 -5.17 -24.15
CA GLY B 121 2.28 -4.53 -24.21
C GLY B 121 1.33 -5.46 -24.93
N VAL B 122 0.08 -5.01 -25.09
CA VAL B 122 -0.92 -5.81 -25.77
C VAL B 122 -1.86 -4.91 -26.56
N ASN B 123 -2.55 -5.53 -27.51
CA ASN B 123 -3.54 -4.86 -28.34
C ASN B 123 -3.21 -3.44 -28.76
N ASP B 124 -4.12 -2.50 -28.49
CA ASP B 124 -3.89 -1.11 -28.90
C ASP B 124 -3.18 -0.23 -27.87
N ASN B 125 -2.36 -0.83 -27.02
CA ASN B 125 -1.60 -0.09 -26.01
C ASN B 125 -0.76 1.04 -26.60
N THR B 126 -0.70 2.15 -25.87
CA THR B 126 0.07 3.32 -26.29
C THR B 126 1.43 3.38 -25.58
N PHE B 127 1.42 3.17 -24.27
CA PHE B 127 2.64 3.23 -23.48
C PHE B 127 3.26 1.86 -23.19
N ASN B 128 4.58 1.82 -23.20
CA ASN B 128 5.29 0.58 -22.89
C ASN B 128 5.24 0.43 -21.38
N HIS B 129 5.34 -0.80 -20.90
CA HIS B 129 5.35 -0.96 -19.46
C HIS B 129 6.53 -1.90 -19.15
N MET B 130 7.27 -1.53 -18.13
CA MET B 130 8.46 -2.25 -17.70
C MET B 130 8.12 -2.92 -16.38
N VAL B 131 8.30 -4.24 -16.33
CA VAL B 131 7.92 -5.01 -15.16
C VAL B 131 8.91 -6.10 -14.75
N LEU B 132 8.93 -6.41 -13.46
CA LEU B 132 9.77 -7.49 -12.94
C LEU B 132 8.81 -8.51 -12.35
N HIS B 133 9.20 -9.78 -12.42
CA HIS B 133 8.39 -10.86 -11.88
C HIS B 133 9.33 -11.67 -11.01
N THR B 134 9.05 -11.74 -9.72
CA THR B 134 9.93 -12.47 -8.80
C THR B 134 9.17 -13.34 -7.81
N SER B 135 9.94 -14.07 -7.00
CA SER B 135 9.36 -14.90 -5.95
C SER B 135 8.99 -13.89 -4.86
N ASP B 136 8.35 -14.37 -3.80
CA ASP B 136 7.90 -13.48 -2.73
C ASP B 136 9.01 -12.78 -1.95
N GLY B 137 8.72 -11.56 -1.51
CA GLY B 137 9.67 -10.78 -0.75
C GLY B 137 10.46 -9.78 -1.57
N CYS B 138 9.78 -9.09 -2.49
CA CYS B 138 10.46 -8.12 -3.34
C CYS B 138 9.53 -6.98 -3.78
N THR B 139 9.70 -5.82 -3.17
CA THR B 139 8.90 -4.64 -3.50
C THR B 139 9.86 -3.52 -3.88
N ILE B 140 9.36 -2.50 -4.59
CA ILE B 140 10.22 -1.39 -5.04
C ILE B 140 9.81 -0.02 -4.51
N ASP B 141 10.78 0.88 -4.46
CA ASP B 141 10.53 2.26 -4.00
C ASP B 141 9.95 3.04 -5.17
N ASN B 142 9.16 4.08 -4.86
CA ASN B 142 8.55 4.89 -5.89
C ASN B 142 9.30 6.20 -6.19
N ASP B 143 10.52 6.07 -6.68
CA ASP B 143 11.32 7.25 -7.03
C ASP B 143 12.55 6.87 -7.84
N GLY B 144 13.07 7.84 -8.60
CA GLY B 144 14.25 7.58 -9.41
C GLY B 144 13.98 7.25 -10.86
N PHE B 145 12.73 7.40 -11.29
CA PHE B 145 12.36 7.12 -12.68
C PHE B 145 11.30 8.10 -13.19
N THR B 146 11.19 8.21 -14.51
CA THR B 146 10.23 9.12 -15.15
C THR B 146 8.87 8.49 -15.40
N GLY B 147 8.80 7.16 -15.36
CA GLY B 147 7.54 6.48 -15.60
C GLY B 147 6.53 6.60 -14.48
N ASN B 148 5.35 6.01 -14.69
CA ASN B 148 4.29 6.05 -13.67
C ASN B 148 4.13 4.68 -13.04
N LEU B 149 4.49 4.57 -11.76
CA LEU B 149 4.41 3.31 -11.05
C LEU B 149 2.97 2.82 -10.95
N LYS B 150 2.73 1.57 -11.35
CA LYS B 150 1.39 0.99 -11.30
C LYS B 150 1.27 -0.04 -10.18
N THR B 151 2.29 -0.86 -10.01
CA THR B 151 2.30 -1.87 -8.95
C THR B 151 3.69 -1.92 -8.33
N SER B 152 3.74 -1.99 -6.99
CA SER B 152 4.99 -2.00 -6.24
C SER B 152 5.54 -3.37 -5.84
N ASN B 153 4.67 -4.38 -5.77
CA ASN B 153 5.10 -5.72 -5.37
C ASN B 153 5.47 -6.54 -6.60
N CYS B 154 6.73 -6.98 -6.68
CA CYS B 154 7.19 -7.74 -7.82
C CYS B 154 6.80 -9.22 -7.74
N TYR B 155 6.37 -9.67 -6.56
CA TYR B 155 5.97 -11.07 -6.39
C TYR B 155 4.87 -11.39 -7.38
N VAL B 156 5.04 -12.47 -8.13
CA VAL B 156 4.05 -12.85 -9.14
C VAL B 156 2.64 -13.09 -8.59
N TYR B 157 2.54 -13.45 -7.32
CA TYR B 157 1.22 -13.67 -6.71
C TYR B 157 0.98 -12.69 -5.58
N ALA B 158 1.51 -11.48 -5.75
CA ALA B 158 1.37 -10.42 -4.75
C ALA B 158 -0.11 -10.18 -4.44
N PRO B 159 -0.47 -10.16 -3.15
CA PRO B 159 -1.85 -9.92 -2.73
C PRO B 159 -2.33 -8.56 -3.22
N GLY B 160 -3.59 -8.47 -3.63
CA GLY B 160 -4.13 -7.20 -4.10
C GLY B 160 -3.80 -6.78 -5.52
N GLN B 161 -2.98 -7.57 -6.23
CA GLN B 161 -2.63 -7.25 -7.61
C GLN B 161 -3.12 -8.38 -8.51
N ASP B 162 -3.41 -8.08 -9.78
CA ASP B 162 -3.87 -9.14 -10.68
C ASP B 162 -2.82 -10.23 -10.68
N ALA B 163 -3.25 -11.47 -10.89
CA ALA B 163 -2.30 -12.58 -10.90
C ALA B 163 -1.20 -12.31 -11.92
N ASN B 164 0.03 -12.43 -11.46
CA ASN B 164 1.24 -12.22 -12.25
C ASN B 164 1.44 -10.84 -12.86
N ALA B 165 0.90 -9.81 -12.21
CA ALA B 165 1.06 -8.46 -12.70
C ALA B 165 2.52 -8.03 -12.44
N GLY B 166 3.10 -8.55 -11.37
CA GLY B 166 4.47 -8.18 -11.03
C GLY B 166 4.52 -6.71 -10.66
N CYS B 167 5.72 -6.15 -10.51
CA CYS B 167 5.83 -4.73 -10.19
C CYS B 167 6.10 -3.99 -11.49
N GLY B 168 5.10 -3.28 -11.99
CA GLY B 168 5.27 -2.59 -13.26
C GLY B 168 5.19 -1.08 -13.24
N ILE B 169 5.94 -0.48 -14.16
CA ILE B 169 6.00 0.96 -14.32
C ILE B 169 5.64 1.26 -15.78
N GLU B 170 4.68 2.15 -15.98
CA GLU B 170 4.24 2.51 -17.32
C GLU B 170 5.04 3.71 -17.81
N ALA B 171 5.50 3.65 -19.06
CA ALA B 171 6.30 4.74 -19.62
C ALA B 171 5.45 6.00 -19.72
N THR B 172 6.12 7.14 -19.69
CA THR B 172 5.45 8.42 -19.77
C THR B 172 5.46 8.96 -21.21
N ASP B 173 6.32 8.38 -22.03
CA ASP B 173 6.46 8.79 -23.43
C ASP B 173 5.55 7.96 -24.33
N PRO B 174 4.61 8.61 -25.06
CA PRO B 174 3.71 7.85 -25.94
C PRO B 174 4.41 7.19 -27.13
N ASN B 175 5.70 7.48 -27.31
CA ASN B 175 6.47 6.89 -28.40
C ASN B 175 7.35 5.76 -27.89
N SER B 176 7.09 5.33 -26.66
CA SER B 176 7.84 4.27 -26.03
C SER B 176 7.41 2.89 -26.48
N TYR B 177 6.29 2.81 -27.21
CA TYR B 177 5.76 1.52 -27.62
C TYR B 177 4.96 1.55 -28.91
N GLY B 178 4.88 0.38 -29.56
CA GLY B 178 4.10 0.20 -30.77
C GLY B 178 4.01 1.30 -31.82
N LYS B 179 2.79 1.71 -32.14
CA LYS B 179 2.55 2.72 -33.17
C LYS B 179 3.41 3.97 -33.03
N GLY B 180 3.38 4.60 -31.86
CA GLY B 180 4.17 5.81 -31.67
C GLY B 180 5.65 5.57 -31.87
N PHE B 181 6.14 4.48 -31.27
CA PHE B 181 7.53 4.09 -31.36
C PHE B 181 7.96 3.94 -32.81
N ASN B 182 7.15 3.27 -33.62
CA ASN B 182 7.49 3.06 -35.03
C ASN B 182 7.43 4.34 -35.85
N SER B 183 6.50 5.22 -35.50
CA SER B 183 6.35 6.48 -36.23
C SER B 183 7.57 7.40 -36.13
N ILE B 184 8.38 7.24 -35.09
CA ILE B 184 9.57 8.09 -34.97
C ILE B 184 10.83 7.35 -35.34
N GLY B 185 10.70 6.16 -35.90
CA GLY B 185 11.87 5.41 -36.28
C GLY B 185 12.44 4.60 -35.14
N GLY B 186 11.62 4.34 -34.13
CA GLY B 186 12.07 3.54 -33.00
C GLY B 186 12.93 4.24 -31.96
N GLY B 187 13.89 3.51 -31.41
CA GLY B 187 14.77 4.06 -30.41
C GLY B 187 15.59 3.00 -29.68
N ILE B 188 16.11 3.36 -28.52
CA ILE B 188 16.96 2.47 -27.75
C ILE B 188 16.46 2.17 -26.33
N TYR B 189 16.49 0.89 -25.97
CA TYR B 189 16.14 0.47 -24.61
C TYR B 189 17.39 -0.11 -24.00
N ALA B 190 17.81 0.45 -22.87
CA ALA B 190 19.00 0.00 -22.17
C ALA B 190 18.57 -0.49 -20.80
N THR B 191 19.00 -1.70 -20.44
CA THR B 191 18.64 -2.30 -19.16
C THR B 191 19.88 -2.70 -18.37
N GLU B 192 20.00 -2.15 -17.16
CA GLU B 192 21.14 -2.45 -16.31
C GLU B 192 20.70 -3.28 -15.10
N ILE B 193 21.42 -4.37 -14.87
CA ILE B 193 21.14 -5.26 -13.76
C ILE B 193 22.34 -5.26 -12.81
N THR B 194 22.13 -4.84 -11.57
CA THR B 194 23.19 -4.80 -10.57
C THR B 194 22.71 -5.45 -9.28
N PRO B 195 23.63 -5.71 -8.33
CA PRO B 195 23.25 -6.34 -7.06
C PRO B 195 22.35 -5.42 -6.23
N ASN B 196 22.22 -4.18 -6.68
CA ASN B 196 21.43 -3.19 -5.97
C ASN B 196 20.15 -2.77 -6.69
N GLY B 197 19.84 -3.43 -7.79
CA GLY B 197 18.62 -3.07 -8.51
C GLY B 197 18.72 -3.16 -10.02
N ILE B 198 17.62 -2.77 -10.67
CA ILE B 198 17.52 -2.79 -12.13
C ILE B 198 17.01 -1.45 -12.64
N SER B 199 17.57 -0.99 -13.74
CA SER B 199 17.16 0.27 -14.33
C SER B 199 16.95 0.07 -15.82
N ILE B 200 15.95 0.74 -16.38
CA ILE B 200 15.66 0.64 -17.80
C ILE B 200 15.49 2.05 -18.36
N TRP B 201 16.32 2.39 -19.37
CA TRP B 201 16.26 3.70 -20.02
C TRP B 201 15.67 3.54 -21.41
N PHE B 202 14.91 4.53 -21.85
CA PHE B 202 14.37 4.51 -23.20
C PHE B 202 14.78 5.82 -23.85
N PHE B 203 15.50 5.72 -24.96
CA PHE B 203 15.95 6.89 -25.68
C PHE B 203 15.27 6.92 -27.04
N PRO B 204 14.24 7.76 -27.21
CA PRO B 204 13.56 7.82 -28.50
C PRO B 204 14.59 8.18 -29.58
N ARG B 205 14.36 7.67 -30.79
CA ARG B 205 15.26 7.91 -31.93
C ARG B 205 15.84 9.31 -31.97
N GLY B 206 17.17 9.39 -31.96
CA GLY B 206 17.84 10.67 -32.03
C GLY B 206 18.20 11.34 -30.71
N SER B 207 17.70 10.82 -29.60
CA SER B 207 17.99 11.42 -28.30
C SER B 207 19.00 10.64 -27.48
N GLU B 208 19.53 9.56 -28.03
CA GLU B 208 20.48 8.73 -27.29
C GLU B 208 21.83 9.41 -27.02
N PRO B 209 22.43 9.11 -25.86
CA PRO B 209 23.74 9.67 -25.50
C PRO B 209 24.79 9.08 -26.43
N GLY B 210 25.91 9.76 -26.59
CA GLY B 210 26.96 9.29 -27.48
C GLY B 210 27.67 7.99 -27.16
N ASP B 211 27.50 7.48 -25.94
CA ASP B 211 28.20 6.25 -25.55
C ASP B 211 27.36 4.97 -25.45
N VAL B 212 26.04 5.08 -25.50
CA VAL B 212 25.20 3.90 -25.34
C VAL B 212 25.38 2.78 -26.38
N LEU B 213 25.73 3.14 -27.61
CA LEU B 213 25.93 2.14 -28.65
C LEU B 213 27.40 1.76 -28.80
N GLY B 214 28.26 2.43 -28.03
CA GLY B 214 29.69 2.17 -28.10
C GLY B 214 30.18 0.94 -27.35
N ASP B 215 31.49 0.81 -27.27
CA ASP B 215 32.13 -0.32 -26.60
C ASP B 215 32.19 -0.22 -25.08
N ASN B 216 32.03 0.97 -24.53
CA ASN B 216 32.09 1.15 -23.08
C ASN B 216 31.07 2.14 -22.54
N PRO B 217 29.78 1.80 -22.66
CA PRO B 217 28.74 2.70 -22.16
C PRO B 217 28.90 2.95 -20.66
N ASN B 218 28.42 4.10 -20.20
CA ASN B 218 28.51 4.46 -18.80
C ASN B 218 27.23 5.15 -18.37
N PRO B 219 26.28 4.37 -17.81
CA PRO B 219 24.97 4.83 -17.34
C PRO B 219 25.02 6.02 -16.37
N ALA B 220 26.14 6.19 -15.68
CA ALA B 220 26.30 7.27 -14.73
C ALA B 220 25.93 8.65 -15.26
N ASN B 221 26.20 8.90 -16.54
CA ASN B 221 25.91 10.21 -17.12
C ASN B 221 24.59 10.31 -17.89
N TRP B 222 23.83 9.23 -17.96
CA TRP B 222 22.57 9.25 -18.69
C TRP B 222 21.47 9.94 -17.91
N ASP B 223 20.44 10.39 -18.62
CA ASP B 223 19.31 11.04 -17.98
C ASP B 223 18.56 10.01 -17.14
N THR B 224 17.57 10.49 -16.39
CA THR B 224 16.77 9.64 -15.51
C THR B 224 16.14 8.47 -16.29
N PRO B 225 16.28 7.25 -15.75
CA PRO B 225 15.71 6.07 -16.41
C PRO B 225 14.19 6.12 -16.47
N ALA B 226 13.61 5.42 -17.44
CA ALA B 226 12.16 5.38 -17.60
C ALA B 226 11.56 4.55 -16.46
N ALA B 227 12.32 3.57 -16.00
CA ALA B 227 11.90 2.71 -14.90
C ALA B 227 13.10 2.32 -14.06
N LYS B 228 12.93 2.30 -12.74
CA LYS B 228 14.00 1.88 -11.83
C LYS B 228 13.39 0.99 -10.76
N PHE B 229 14.04 -0.14 -10.50
CA PHE B 229 13.55 -1.09 -9.51
C PHE B 229 14.62 -1.22 -8.44
N ALA B 230 14.39 -0.59 -7.29
CA ALA B 230 15.36 -0.62 -6.21
C ALA B 230 14.71 -0.38 -4.84
N GLY B 231 15.52 -0.50 -3.79
CA GLY B 231 15.00 -0.27 -2.45
C GLY B 231 15.38 -1.38 -1.49
N GLY B 232 15.16 -1.13 -0.20
CA GLY B 232 15.50 -2.13 0.80
C GLY B 232 14.46 -3.23 0.89
N GLY B 233 13.37 -3.07 0.16
CA GLY B 233 12.30 -4.06 0.19
C GLY B 233 12.55 -5.29 -0.68
N CYS B 234 13.78 -5.47 -1.15
CA CYS B 234 14.08 -6.62 -2.00
C CYS B 234 15.57 -6.98 -1.95
N ASP B 235 15.87 -8.29 -1.94
CA ASP B 235 17.24 -8.75 -1.97
C ASP B 235 17.54 -8.89 -3.46
N TRP B 236 17.91 -7.78 -4.08
CA TRP B 236 18.17 -7.72 -5.51
C TRP B 236 19.15 -8.75 -6.08
N GLU B 237 20.17 -9.10 -5.31
CA GLU B 237 21.15 -10.08 -5.76
C GLU B 237 20.59 -11.50 -5.72
N GLY B 238 19.75 -11.79 -4.72
CA GLY B 238 19.19 -13.12 -4.59
C GLY B 238 17.93 -13.45 -5.38
N LYS B 239 17.18 -12.42 -5.77
CA LYS B 239 15.95 -12.65 -6.51
C LYS B 239 16.17 -12.90 -8.00
N PHE B 240 17.33 -12.51 -8.51
CA PHE B 240 17.63 -12.72 -9.93
C PHE B 240 18.94 -13.46 -10.14
N ASN B 241 18.94 -14.43 -11.05
CA ASN B 241 20.17 -15.16 -11.38
C ASN B 241 20.46 -14.92 -12.84
N ALA B 242 21.24 -15.80 -13.48
CA ALA B 242 21.59 -15.63 -14.89
C ALA B 242 20.37 -15.50 -15.80
N GLN B 243 20.28 -14.39 -16.52
CA GLN B 243 19.16 -14.09 -17.41
C GLN B 243 19.42 -14.40 -18.88
N ARG B 244 18.43 -14.95 -19.57
CA ARG B 244 18.59 -15.18 -21.00
C ARG B 244 17.65 -14.19 -21.68
N LEU B 245 18.01 -13.78 -22.90
CA LEU B 245 17.22 -12.80 -23.65
C LEU B 245 16.14 -13.46 -24.50
N ILE B 246 14.98 -12.85 -24.55
CA ILE B 246 13.87 -13.41 -25.31
C ILE B 246 13.07 -12.41 -26.13
N PHE B 247 12.79 -12.78 -27.38
CA PHE B 247 11.99 -11.98 -28.31
C PHE B 247 10.78 -12.86 -28.62
N ASP B 248 9.58 -12.28 -28.64
CA ASP B 248 8.41 -13.06 -29.01
C ASP B 248 7.21 -12.17 -29.26
N VAL B 249 6.24 -12.74 -29.94
CA VAL B 249 4.98 -12.07 -30.19
C VAL B 249 3.94 -13.18 -30.10
N THR B 250 3.04 -13.10 -29.15
CA THR B 250 2.00 -14.10 -29.06
C THR B 250 0.69 -13.38 -29.37
N PHE B 251 -0.42 -14.10 -29.32
CA PHE B 251 -1.73 -13.53 -29.62
C PHE B 251 -2.77 -13.93 -28.57
N CYS B 252 -3.68 -13.01 -28.26
CA CYS B 252 -4.72 -13.27 -27.27
C CYS B 252 -4.07 -13.81 -25.99
N GLY B 253 -4.55 -14.95 -25.49
CA GLY B 253 -3.94 -15.50 -24.29
C GLY B 253 -4.26 -14.81 -22.98
N ASP B 254 -3.52 -15.16 -21.94
CA ASP B 254 -3.73 -14.64 -20.59
C ASP B 254 -3.83 -13.14 -20.40
N TRP B 255 -3.15 -12.35 -21.23
CA TRP B 255 -3.26 -10.91 -21.08
C TRP B 255 -4.10 -10.32 -22.22
N ALA B 256 -3.52 -10.29 -23.42
CA ALA B 256 -4.21 -9.73 -24.59
C ALA B 256 -5.64 -10.26 -24.80
N GLY B 257 -5.82 -11.56 -24.67
CA GLY B 257 -7.14 -12.14 -24.86
C GLY B 257 -8.10 -11.85 -23.72
N ASN B 258 -7.57 -11.88 -22.50
CA ASN B 258 -8.38 -11.63 -21.32
C ASN B 258 -8.92 -10.21 -21.20
N VAL B 259 -8.18 -9.23 -21.70
CA VAL B 259 -8.62 -7.85 -21.60
C VAL B 259 -9.20 -7.30 -22.91
N TRP B 260 -9.28 -8.17 -23.91
CA TRP B 260 -9.81 -7.79 -25.22
C TRP B 260 -11.22 -7.19 -25.16
N GLY B 261 -12.14 -7.93 -24.54
CA GLY B 261 -13.52 -7.51 -24.45
C GLY B 261 -13.85 -6.13 -23.93
N ILE B 262 -13.12 -5.65 -22.93
CA ILE B 262 -13.39 -4.33 -22.36
C ILE B 262 -12.65 -3.20 -23.07
N GLY B 263 -11.80 -3.55 -24.03
CA GLY B 263 -11.02 -2.54 -24.73
C GLY B 263 -11.56 -2.10 -26.08
N GLY B 264 -10.83 -1.16 -26.70
CA GLY B 264 -11.23 -0.65 -27.99
C GLY B 264 -11.21 -1.65 -29.13
N CYS B 265 -10.54 -2.77 -28.94
CA CYS B 265 -10.48 -3.78 -29.99
C CYS B 265 -11.77 -4.56 -30.14
N ALA B 266 -12.61 -4.54 -29.09
CA ALA B 266 -13.88 -5.25 -29.14
C ALA B 266 -14.75 -4.77 -30.29
N SER B 267 -14.46 -3.58 -30.83
CA SER B 267 -15.24 -3.03 -31.93
C SER B 267 -14.93 -3.74 -33.24
N ARG B 268 -13.84 -4.49 -33.28
CA ARG B 268 -13.45 -5.21 -34.49
C ARG B 268 -13.99 -6.63 -34.50
N ALA B 269 -14.23 -7.17 -33.30
CA ALA B 269 -14.78 -8.51 -33.13
C ALA B 269 -14.98 -8.75 -31.65
N ALA B 270 -15.96 -9.57 -31.30
CA ALA B 270 -16.24 -9.85 -29.90
C ALA B 270 -15.14 -10.68 -29.26
N ASN B 271 -14.59 -11.63 -30.00
CA ASN B 271 -13.53 -12.50 -29.48
C ASN B 271 -12.18 -12.25 -30.15
N CYS B 272 -11.13 -12.25 -29.33
CA CYS B 272 -9.77 -12.02 -29.82
C CYS B 272 -9.37 -13.08 -30.84
N VAL B 273 -9.65 -14.35 -30.53
CA VAL B 273 -9.27 -15.42 -31.43
C VAL B 273 -9.90 -15.31 -32.82
N ASP B 274 -11.17 -14.91 -32.89
CA ASP B 274 -11.81 -14.78 -34.20
C ASP B 274 -11.08 -13.73 -35.02
N PHE B 275 -10.76 -12.60 -34.41
CA PHE B 275 -10.07 -11.54 -35.13
C PHE B 275 -8.69 -12.02 -35.62
N VAL B 276 -7.90 -12.58 -34.71
CA VAL B 276 -6.56 -13.05 -35.07
C VAL B 276 -6.60 -14.12 -36.16
N ARG B 277 -7.53 -15.06 -36.03
CA ARG B 277 -7.66 -16.14 -37.00
C ARG B 277 -8.02 -15.69 -38.41
N ASP B 278 -9.06 -14.86 -38.53
CA ASP B 278 -9.55 -14.43 -39.83
C ASP B 278 -9.08 -13.12 -40.44
N ASN B 279 -8.15 -12.41 -39.80
CA ASN B 279 -7.69 -11.14 -40.36
C ASN B 279 -6.17 -11.05 -40.47
N PRO B 280 -5.55 -11.95 -41.26
CA PRO B 280 -4.10 -11.92 -41.38
C PRO B 280 -3.45 -10.57 -41.72
N SER B 281 -4.04 -9.82 -42.63
CA SER B 281 -3.48 -8.53 -43.04
C SER B 281 -3.34 -7.49 -41.93
N ALA B 282 -4.01 -7.70 -40.81
CA ALA B 282 -3.94 -6.75 -39.70
C ALA B 282 -2.61 -6.80 -38.96
N PHE B 283 -1.84 -7.87 -39.19
CA PHE B 283 -0.58 -8.05 -38.47
C PHE B 283 0.72 -7.70 -39.19
N ALA B 284 0.62 -6.97 -40.29
CA ALA B 284 1.80 -6.58 -41.04
C ALA B 284 2.80 -5.77 -40.21
N GLU B 285 2.29 -4.97 -39.28
CA GLU B 285 3.14 -4.13 -38.43
C GLU B 285 3.71 -4.85 -37.21
N SER B 286 3.32 -6.09 -37.01
CA SER B 286 3.80 -6.85 -35.86
C SER B 286 5.17 -7.46 -36.07
N TYR B 287 6.20 -6.63 -36.24
CA TYR B 287 7.56 -7.14 -36.42
C TYR B 287 8.64 -6.30 -35.77
N TRP B 288 9.72 -6.97 -35.36
CA TRP B 288 10.87 -6.32 -34.76
C TRP B 288 11.86 -6.09 -35.90
N LEU B 289 12.58 -4.98 -35.85
CA LEU B 289 13.60 -4.68 -36.84
C LEU B 289 14.76 -4.17 -35.98
N VAL B 290 15.74 -5.05 -35.76
CA VAL B 290 16.89 -4.75 -34.90
C VAL B 290 18.10 -4.13 -35.60
N ASN B 291 18.55 -2.97 -35.09
CA ASN B 291 19.74 -2.33 -35.63
C ASN B 291 20.92 -2.99 -34.94
N SER B 292 20.80 -3.18 -33.62
CA SER B 292 21.85 -3.82 -32.85
C SER B 292 21.37 -4.30 -31.48
N LEU B 293 22.02 -5.35 -30.99
CA LEU B 293 21.73 -5.92 -29.68
C LEU B 293 23.10 -6.25 -29.10
N ARG B 294 23.47 -5.54 -28.04
CA ARG B 294 24.78 -5.74 -27.42
C ARG B 294 24.66 -5.85 -25.91
N VAL B 295 25.38 -6.80 -25.34
CA VAL B 295 25.36 -7.03 -23.90
C VAL B 295 26.74 -6.76 -23.33
N TYR B 296 26.76 -6.03 -22.21
CA TYR B 296 27.99 -5.65 -21.54
C TYR B 296 28.02 -6.20 -20.12
N ALA B 297 29.22 -6.20 -19.53
CA ALA B 297 29.40 -6.68 -18.18
C ALA B 297 30.27 -5.68 -17.43
N PRO B 298 30.07 -5.54 -16.12
CA PRO B 298 30.85 -4.61 -15.29
C PRO B 298 32.29 -5.08 -15.14
N GLU C 1 -1.91 43.53 -21.01
CA GLU C 1 -3.21 43.07 -21.58
C GLU C 1 -3.10 41.59 -21.94
N PHE C 2 -3.27 40.73 -20.94
CA PHE C 2 -3.19 39.28 -21.11
C PHE C 2 -4.56 38.66 -21.26
N TYR C 3 -5.42 38.97 -20.30
CA TYR C 3 -6.78 38.46 -20.29
C TYR C 3 -7.72 39.60 -19.95
N HIS C 4 -8.89 39.60 -20.57
CA HIS C 4 -9.89 40.61 -20.29
C HIS C 4 -11.19 39.89 -19.94
N LEU C 5 -11.98 40.49 -19.06
CA LEU C 5 -13.24 39.91 -18.63
C LEU C 5 -14.23 39.77 -19.78
N VAL C 6 -14.87 38.60 -19.87
CA VAL C 6 -15.87 38.36 -20.90
C VAL C 6 -17.20 37.99 -20.25
N ASP C 7 -17.15 37.55 -18.99
CA ASP C 7 -18.34 37.16 -18.26
C ASP C 7 -18.21 37.17 -16.75
N ASP C 8 -18.94 38.07 -16.10
CA ASP C 8 -18.96 38.09 -14.63
C ASP C 8 -20.37 37.59 -14.37
N TYR C 9 -20.48 36.43 -13.75
CA TYR C 9 -21.77 35.81 -13.48
C TYR C 9 -22.63 36.44 -12.39
N GLY C 10 -22.08 37.39 -11.66
CA GLY C 10 -22.83 38.05 -10.61
C GLY C 10 -23.25 37.13 -9.47
N ARG C 11 -24.46 37.33 -8.95
CA ARG C 11 -24.95 36.54 -7.83
C ARG C 11 -26.47 36.35 -7.87
N GLY C 12 -26.96 35.39 -7.10
CA GLY C 12 -28.39 35.13 -7.02
C GLY C 12 -29.11 34.94 -8.34
N ASN C 13 -30.27 35.57 -8.48
CA ASN C 13 -31.05 35.43 -9.70
C ASN C 13 -30.33 35.88 -10.96
N GLY C 14 -29.44 36.86 -10.84
CA GLY C 14 -28.69 37.30 -12.01
C GLY C 14 -27.74 36.20 -12.45
N PHE C 15 -27.27 35.44 -11.47
CA PHE C 15 -26.34 34.32 -11.67
C PHE C 15 -27.11 33.19 -12.37
N PHE C 16 -28.24 32.81 -11.79
CA PHE C 16 -29.04 31.73 -12.35
C PHE C 16 -29.54 32.04 -13.76
N ASP C 17 -29.77 33.33 -14.06
CA ASP C 17 -30.23 33.71 -15.39
C ASP C 17 -29.22 33.34 -16.48
N LYS C 18 -27.98 33.09 -16.08
CA LYS C 18 -26.95 32.76 -17.06
C LYS C 18 -26.75 31.25 -17.26
N PHE C 19 -27.60 30.46 -16.63
CA PHE C 19 -27.54 29.00 -16.76
C PHE C 19 -28.86 28.37 -17.16
N ASN C 20 -28.78 27.19 -17.76
CA ASN C 20 -29.94 26.41 -18.13
C ASN C 20 -29.99 25.33 -17.05
N PHE C 21 -31.18 24.95 -16.63
CA PHE C 21 -31.32 23.91 -15.62
C PHE C 21 -31.64 22.58 -16.28
N PHE C 22 -30.66 21.68 -16.26
CA PHE C 22 -30.78 20.36 -16.87
C PHE C 22 -31.81 19.54 -16.08
N THR C 23 -32.78 18.95 -16.77
CA THR C 23 -33.81 18.16 -16.09
C THR C 23 -33.91 16.71 -16.59
N GLY C 24 -33.06 16.34 -17.54
CA GLY C 24 -33.12 14.99 -18.07
C GLY C 24 -32.63 13.97 -17.06
N ASP C 25 -32.76 12.69 -17.38
CA ASP C 25 -32.28 11.65 -16.47
C ASP C 25 -30.76 11.83 -16.42
N ASP C 26 -30.16 11.53 -15.28
CA ASP C 26 -28.71 11.68 -15.13
C ASP C 26 -27.91 10.85 -16.12
N PRO C 27 -27.06 11.52 -16.93
CA PRO C 27 -26.22 10.84 -17.92
C PRO C 27 -25.34 9.78 -17.26
N THR C 28 -24.98 10.02 -16.00
CA THR C 28 -24.15 9.10 -15.24
C THR C 28 -24.97 8.11 -14.40
N HIS C 29 -26.25 7.99 -14.76
CA HIS C 29 -27.18 7.07 -14.10
C HIS C 29 -27.29 7.10 -12.58
N GLY C 30 -27.14 8.28 -12.00
CA GLY C 30 -27.22 8.37 -10.56
C GLY C 30 -28.65 8.35 -10.05
N TYR C 31 -28.80 8.17 -8.74
CA TYR C 31 -30.10 8.14 -8.10
C TYR C 31 -30.41 9.60 -7.76
N VAL C 32 -30.61 10.39 -8.80
CA VAL C 32 -30.86 11.83 -8.65
C VAL C 32 -32.05 12.28 -9.50
N ASP C 33 -32.74 13.31 -9.02
CA ASP C 33 -33.88 13.88 -9.70
C ASP C 33 -33.52 15.36 -9.92
N TYR C 34 -33.03 15.68 -11.10
CA TYR C 34 -32.65 17.06 -11.42
C TYR C 34 -33.91 17.85 -11.67
N VAL C 35 -34.12 18.90 -10.89
CA VAL C 35 -35.32 19.72 -11.00
C VAL C 35 -35.12 21.07 -11.69
N SER C 36 -36.23 21.65 -12.13
CA SER C 36 -36.22 22.94 -12.81
C SER C 36 -35.90 24.07 -11.84
N ARG C 37 -35.58 25.23 -12.39
CA ARG C 37 -35.28 26.39 -11.57
C ARG C 37 -36.42 26.72 -10.61
N ASP C 38 -37.66 26.72 -11.11
CA ASP C 38 -38.80 27.02 -10.26
C ASP C 38 -38.98 26.01 -9.14
N VAL C 39 -38.80 24.73 -9.45
CA VAL C 39 -38.94 23.71 -8.42
C VAL C 39 -37.79 23.80 -7.42
N ALA C 40 -36.60 24.10 -7.92
CA ALA C 40 -35.42 24.22 -7.07
C ALA C 40 -35.61 25.38 -6.09
N ALA C 41 -36.04 26.53 -6.60
CA ALA C 41 -36.27 27.70 -5.77
C ALA C 41 -37.34 27.42 -4.72
N GLY C 42 -38.37 26.68 -5.12
CA GLY C 42 -39.45 26.37 -4.21
C GLY C 42 -39.06 25.40 -3.11
N ALA C 43 -38.02 24.61 -3.37
CA ALA C 43 -37.53 23.61 -2.41
C ALA C 43 -36.27 24.08 -1.67
N GLY C 44 -35.89 25.33 -1.90
CA GLY C 44 -34.72 25.88 -1.23
C GLY C 44 -33.39 25.34 -1.73
N LEU C 45 -33.38 24.72 -2.91
CA LEU C 45 -32.13 24.17 -3.45
C LEU C 45 -31.22 25.24 -4.06
N ILE C 46 -31.80 26.38 -4.44
CA ILE C 46 -31.03 27.48 -5.00
C ILE C 46 -31.47 28.78 -4.34
N GLY C 47 -30.56 29.74 -4.29
CA GLY C 47 -30.88 31.02 -3.69
C GLY C 47 -29.64 31.84 -3.45
N GLU C 48 -29.75 32.83 -2.56
CA GLU C 48 -28.65 33.71 -2.22
C GLU C 48 -28.49 33.66 -0.71
N ARG C 49 -27.25 33.65 -0.23
CA ARG C 49 -26.99 33.59 1.20
C ARG C 49 -25.94 34.64 1.55
N ASP C 50 -26.40 35.78 2.06
CA ASP C 50 -25.51 36.87 2.42
C ASP C 50 -24.58 37.26 1.26
N GLY C 51 -25.16 37.42 0.08
CA GLY C 51 -24.36 37.82 -1.07
C GLY C 51 -23.70 36.69 -1.84
N ARG C 52 -23.75 35.47 -1.32
CA ARG C 52 -23.17 34.32 -2.00
C ARG C 52 -24.28 33.54 -2.71
N THR C 53 -23.96 32.91 -3.84
CA THR C 53 -24.95 32.13 -4.56
C THR C 53 -24.93 30.68 -4.07
N TYR C 54 -26.09 30.20 -3.67
CA TYR C 54 -26.29 28.87 -3.13
C TYR C 54 -26.92 27.87 -4.12
N MET C 55 -26.39 26.66 -4.14
CA MET C 55 -26.88 25.58 -4.98
C MET C 55 -26.64 24.31 -4.18
N GLY C 56 -27.71 23.69 -3.70
CA GLY C 56 -27.56 22.48 -2.91
C GLY C 56 -28.50 21.36 -3.30
N VAL C 57 -28.77 20.45 -2.37
CA VAL C 57 -29.66 19.33 -2.65
C VAL C 57 -30.73 19.20 -1.56
N ASP C 58 -31.71 18.34 -1.82
CA ASP C 58 -32.80 18.08 -0.88
C ASP C 58 -32.21 17.26 0.28
N PHE C 59 -32.16 17.84 1.48
CA PHE C 59 -31.64 17.12 2.64
C PHE C 59 -32.75 17.01 3.68
N THR C 60 -33.99 17.14 3.21
CA THR C 60 -35.15 17.09 4.09
C THR C 60 -36.06 15.86 3.93
N ASN C 61 -36.44 15.58 2.69
CA ASN C 61 -37.37 14.48 2.44
C ASN C 61 -36.79 13.13 2.01
N PRO C 62 -37.46 12.03 2.41
CA PRO C 62 -36.94 10.73 1.98
C PRO C 62 -37.14 10.77 0.47
N ALA C 63 -36.22 10.19 -0.29
CA ALA C 63 -36.30 10.26 -1.75
C ALA C 63 -37.34 9.35 -2.38
N SER C 64 -37.84 9.77 -3.53
CA SER C 64 -38.81 9.02 -4.31
C SER C 64 -38.59 9.37 -5.78
N GLY C 65 -39.29 8.68 -6.67
CA GLY C 65 -39.11 8.96 -8.09
C GLY C 65 -37.74 8.57 -8.60
N ARG C 66 -37.12 9.44 -9.40
CA ARG C 66 -35.79 9.17 -9.97
C ARG C 66 -34.68 9.18 -8.94
N GLY C 67 -34.89 9.88 -7.83
CA GLY C 67 -33.87 9.94 -6.81
C GLY C 67 -33.94 11.21 -5.96
N ARG C 68 -32.89 11.50 -5.22
CA ARG C 68 -32.87 12.68 -4.37
C ARG C 68 -32.78 13.90 -5.27
N ARG C 69 -33.59 14.92 -4.95
CA ARG C 69 -33.62 16.13 -5.76
C ARG C 69 -32.35 16.96 -5.70
N SER C 70 -31.96 17.46 -6.86
CA SER C 70 -30.75 18.26 -6.98
C SER C 70 -30.84 19.14 -8.23
N VAL C 71 -29.77 19.88 -8.51
CA VAL C 71 -29.76 20.71 -9.71
C VAL C 71 -28.47 20.52 -10.48
N ARG C 72 -28.55 20.73 -11.79
CA ARG C 72 -27.41 20.64 -12.67
C ARG C 72 -27.56 21.83 -13.60
N LEU C 73 -26.73 22.84 -13.38
CA LEU C 73 -26.76 24.06 -14.18
C LEU C 73 -25.67 24.04 -15.25
N GLU C 74 -26.05 24.37 -16.47
CA GLU C 74 -25.13 24.42 -17.61
C GLU C 74 -25.19 25.83 -18.20
N SER C 75 -24.04 26.51 -18.25
CA SER C 75 -24.01 27.88 -18.75
C SER C 75 -24.53 28.03 -20.17
N LYS C 76 -25.23 29.13 -20.41
CA LYS C 76 -25.77 29.41 -21.73
C LYS C 76 -24.64 29.78 -22.66
N ASN C 77 -23.67 30.54 -22.16
CA ASN C 77 -22.51 30.94 -22.95
C ASN C 77 -21.46 29.83 -22.95
N THR C 78 -20.69 29.76 -24.03
CA THR C 78 -19.63 28.77 -24.17
C THR C 78 -18.31 29.47 -24.41
N TYR C 79 -17.22 28.79 -24.09
CA TYR C 79 -15.89 29.37 -24.25
C TYR C 79 -14.93 28.38 -24.90
N GLU C 80 -14.20 28.84 -25.91
CA GLU C 80 -13.24 27.99 -26.61
C GLU C 80 -11.89 28.06 -25.91
N HIS C 81 -11.40 29.28 -25.70
CA HIS C 81 -10.14 29.51 -24.99
C HIS C 81 -10.42 30.58 -23.94
N GLY C 82 -9.77 30.47 -22.79
CA GLY C 82 -10.00 31.46 -21.76
C GLY C 82 -9.55 31.05 -20.38
N LEU C 83 -9.94 31.85 -19.39
CA LEU C 83 -9.59 31.60 -18.00
C LEU C 83 -10.87 31.63 -17.17
N ILE C 84 -11.16 30.53 -16.49
CA ILE C 84 -12.36 30.41 -15.66
C ILE C 84 -11.97 30.50 -14.19
N VAL C 85 -12.37 31.56 -13.52
CA VAL C 85 -12.03 31.72 -12.11
C VAL C 85 -13.25 31.62 -11.20
N ILE C 86 -13.24 30.66 -10.29
CA ILE C 86 -14.33 30.51 -9.35
C ILE C 86 -13.82 30.61 -7.91
N ASP C 87 -14.46 31.50 -7.14
CA ASP C 87 -14.11 31.70 -5.74
C ASP C 87 -15.28 31.11 -4.95
N LEU C 88 -15.02 30.01 -4.25
CA LEU C 88 -16.06 29.32 -3.47
C LEU C 88 -15.83 29.44 -1.97
N ALA C 89 -16.91 29.73 -1.25
CA ALA C 89 -16.84 29.83 0.20
C ALA C 89 -17.13 28.44 0.79
N HIS C 90 -17.79 27.59 -0.01
CA HIS C 90 -18.18 26.25 0.42
C HIS C 90 -18.48 25.39 -0.83
N MET C 91 -18.19 24.10 -0.75
CA MET C 91 -18.48 23.19 -1.86
C MET C 91 -19.14 21.95 -1.26
N PRO C 92 -19.78 21.11 -2.09
CA PRO C 92 -20.40 19.92 -1.52
C PRO C 92 -19.39 19.15 -0.65
N GLY C 93 -19.80 18.79 0.56
CA GLY C 93 -18.91 18.08 1.47
C GLY C 93 -18.56 16.65 1.06
N SER C 94 -17.70 16.03 1.86
CA SER C 94 -17.27 14.65 1.61
C SER C 94 -18.36 13.73 2.15
N VAL C 95 -19.54 13.82 1.57
CA VAL C 95 -20.69 13.05 2.01
C VAL C 95 -20.91 11.76 1.24
N CYS C 96 -21.08 10.68 2.00
CA CYS C 96 -21.33 9.36 1.44
C CYS C 96 -22.50 9.35 0.46
N GLY C 97 -22.29 8.74 -0.70
CA GLY C 97 -23.34 8.66 -1.70
C GLY C 97 -23.41 9.80 -2.68
N THR C 98 -22.71 10.90 -2.41
CA THR C 98 -22.74 12.06 -3.30
C THR C 98 -21.61 12.06 -4.33
N TRP C 99 -21.84 12.77 -5.43
CA TRP C 99 -20.87 12.88 -6.51
C TRP C 99 -20.99 14.29 -7.09
N PRO C 100 -20.37 15.28 -6.41
CA PRO C 100 -20.42 16.66 -6.87
C PRO C 100 -19.39 16.97 -7.96
N ALA C 101 -19.66 17.99 -8.75
CA ALA C 101 -18.73 18.36 -9.81
C ALA C 101 -18.94 19.76 -10.37
N PHE C 102 -17.82 20.45 -10.60
CA PHE C 102 -17.81 21.76 -11.25
C PHE C 102 -16.91 21.40 -12.43
N TRP C 103 -17.46 21.48 -13.64
CA TRP C 103 -16.72 21.09 -14.82
C TRP C 103 -17.18 21.79 -16.09
N THR C 104 -16.54 21.47 -17.21
CA THR C 104 -16.92 22.06 -18.48
C THR C 104 -17.14 20.93 -19.48
N LEU C 105 -18.02 21.17 -20.44
CA LEU C 105 -18.34 20.17 -21.44
C LEU C 105 -18.39 20.81 -22.83
N GLY C 106 -17.75 20.16 -23.80
CA GLY C 106 -17.74 20.69 -25.15
C GLY C 106 -19.06 20.48 -25.84
N THR C 107 -19.25 21.15 -26.97
CA THR C 107 -20.48 21.02 -27.73
C THR C 107 -20.40 19.78 -28.61
N GLY C 108 -21.55 19.23 -28.96
CA GLY C 108 -21.58 18.05 -29.81
C GLY C 108 -21.60 16.75 -29.02
N ASP C 109 -21.40 15.64 -29.74
CA ASP C 109 -21.41 14.33 -29.12
C ASP C 109 -20.19 14.12 -28.23
N TRP C 110 -20.44 13.67 -27.01
CA TRP C 110 -19.39 13.38 -26.04
C TRP C 110 -18.67 12.12 -26.54
N PRO C 111 -17.34 12.05 -26.38
CA PRO C 111 -16.44 13.05 -25.80
C PRO C 111 -15.70 13.87 -26.83
N TYR C 112 -16.18 13.86 -28.07
CA TYR C 112 -15.54 14.59 -29.16
C TYR C 112 -15.31 16.07 -28.91
N GLY C 113 -16.09 16.65 -28.01
CA GLY C 113 -15.92 18.07 -27.71
C GLY C 113 -15.02 18.27 -26.51
N GLY C 114 -14.64 17.17 -25.87
CA GLY C 114 -13.78 17.27 -24.70
C GLY C 114 -14.60 17.55 -23.45
N GLU C 115 -13.99 17.27 -22.30
CA GLU C 115 -14.64 17.48 -21.01
C GLU C 115 -13.53 17.76 -19.99
N ILE C 116 -13.72 18.80 -19.18
CA ILE C 116 -12.74 19.16 -18.17
C ILE C 116 -13.35 19.14 -16.77
N ASP C 117 -12.91 18.20 -15.95
CA ASP C 117 -13.41 18.12 -14.59
C ASP C 117 -12.46 18.92 -13.69
N ILE C 118 -12.93 20.07 -13.22
CA ILE C 118 -12.15 20.98 -12.40
C ILE C 118 -12.21 20.60 -10.92
N ILE C 119 -13.41 20.41 -10.41
CA ILE C 119 -13.63 20.00 -9.02
C ILE C 119 -14.54 18.77 -9.09
N GLU C 120 -14.05 17.63 -8.60
CA GLU C 120 -14.87 16.43 -8.67
C GLU C 120 -14.39 15.36 -7.70
N GLY C 121 -15.34 14.62 -7.14
CA GLY C 121 -15.01 13.56 -6.21
C GLY C 121 -16.27 12.78 -5.90
N VAL C 122 -16.15 11.74 -5.07
CA VAL C 122 -17.30 10.95 -4.68
C VAL C 122 -17.23 10.57 -3.20
N ASN C 123 -18.38 10.21 -2.66
CA ASN C 123 -18.50 9.76 -1.29
C ASN C 123 -17.64 10.55 -0.30
N ASP C 124 -16.86 9.86 0.52
CA ASP C 124 -16.05 10.55 1.51
C ASP C 124 -14.62 10.88 1.08
N ASN C 125 -14.43 11.13 -0.21
CA ASN C 125 -13.11 11.49 -0.74
C ASN C 125 -12.57 12.71 0.01
N THR C 126 -11.24 12.80 0.08
CA THR C 126 -10.55 13.90 0.76
C THR C 126 -9.77 14.78 -0.21
N PHE C 127 -9.37 14.21 -1.34
CA PHE C 127 -8.58 14.93 -2.33
C PHE C 127 -9.33 15.16 -3.64
N ASN C 128 -9.19 16.35 -4.21
CA ASN C 128 -9.85 16.67 -5.45
C ASN C 128 -9.23 15.95 -6.65
N HIS C 129 -10.07 15.61 -7.63
CA HIS C 129 -9.62 14.96 -8.85
C HIS C 129 -9.81 15.93 -10.02
N MET C 130 -8.73 16.21 -10.74
CA MET C 130 -8.78 17.09 -11.89
C MET C 130 -8.54 16.16 -13.06
N VAL C 131 -9.55 16.03 -13.91
CA VAL C 131 -9.52 15.09 -15.02
C VAL C 131 -10.03 15.61 -16.35
N LEU C 132 -9.53 15.03 -17.44
CA LEU C 132 -9.98 15.37 -18.78
C LEU C 132 -10.47 14.10 -19.41
N HIS C 133 -11.46 14.22 -20.29
CA HIS C 133 -12.03 13.09 -21.00
C HIS C 133 -12.08 13.52 -22.46
N THR C 134 -11.44 12.76 -23.33
CA THR C 134 -11.40 13.11 -24.75
C THR C 134 -11.59 11.89 -25.64
N SER C 135 -11.52 12.14 -26.95
CA SER C 135 -11.62 11.09 -27.95
C SER C 135 -10.22 10.49 -28.01
N ASP C 136 -10.01 9.46 -28.83
CA ASP C 136 -8.72 8.81 -28.91
C ASP C 136 -7.58 9.67 -29.47
N GLY C 137 -6.36 9.40 -29.01
CA GLY C 137 -5.20 10.14 -29.47
C GLY C 137 -4.86 11.37 -28.63
N CYS C 138 -4.90 11.23 -27.31
CA CYS C 138 -4.60 12.36 -26.43
C CYS C 138 -4.03 11.90 -25.09
N THR C 139 -2.73 12.12 -24.90
CA THR C 139 -2.04 11.76 -23.67
C THR C 139 -1.31 12.99 -23.13
N ILE C 140 -1.01 13.00 -21.84
CA ILE C 140 -0.36 14.15 -21.24
C ILE C 140 1.05 13.93 -20.69
N ASP C 141 1.82 15.02 -20.61
CA ASP C 141 3.17 14.95 -20.07
C ASP C 141 3.05 14.69 -18.58
N ASN C 142 4.12 14.19 -17.99
CA ASN C 142 4.15 13.85 -16.58
C ASN C 142 4.67 14.96 -15.66
N ASP C 143 5.01 16.11 -16.22
CA ASP C 143 5.54 17.20 -15.39
C ASP C 143 4.80 18.52 -15.55
N GLY C 144 5.20 19.50 -14.74
CA GLY C 144 4.59 20.82 -14.79
C GLY C 144 3.49 21.11 -13.78
N PHE C 145 3.22 20.18 -12.87
CA PHE C 145 2.18 20.37 -11.86
C PHE C 145 2.55 19.79 -10.50
N THR C 146 1.85 20.21 -9.46
CA THR C 146 2.13 19.73 -8.11
C THR C 146 1.32 18.52 -7.66
N GLY C 147 0.24 18.21 -8.38
CA GLY C 147 -0.58 17.07 -8.01
C GLY C 147 0.03 15.74 -8.42
N ASN C 148 -0.59 14.64 -7.98
CA ASN C 148 -0.10 13.30 -8.32
C ASN C 148 -0.81 12.75 -9.54
N LEU C 149 -0.03 12.45 -10.56
CA LEU C 149 -0.58 11.90 -11.79
C LEU C 149 -1.11 10.49 -11.53
N LYS C 150 -2.36 10.25 -11.97
CA LYS C 150 -2.97 8.94 -11.78
C LYS C 150 -3.05 8.22 -13.12
N THR C 151 -3.51 8.93 -14.14
CA THR C 151 -3.62 8.35 -15.48
C THR C 151 -3.15 9.33 -16.55
N SER C 152 -2.36 8.84 -17.50
CA SER C 152 -1.80 9.66 -18.57
C SER C 152 -2.60 9.74 -19.86
N ASN C 153 -3.55 8.83 -20.04
CA ASN C 153 -4.36 8.79 -21.26
C ASN C 153 -5.74 9.41 -21.02
N CYS C 154 -6.06 10.46 -21.79
CA CYS C 154 -7.35 11.15 -21.63
C CYS C 154 -8.49 10.48 -22.39
N TYR C 155 -8.16 9.54 -23.26
CA TYR C 155 -9.18 8.83 -24.04
C TYR C 155 -10.10 8.03 -23.11
N VAL C 156 -11.41 8.23 -23.27
CA VAL C 156 -12.40 7.55 -22.44
C VAL C 156 -12.32 6.03 -22.49
N TYR C 157 -11.76 5.49 -23.57
CA TYR C 157 -11.61 4.04 -23.71
C TYR C 157 -10.15 3.62 -23.66
N ALA C 158 -9.32 4.46 -23.02
CA ALA C 158 -7.90 4.19 -22.90
C ALA C 158 -7.60 2.81 -22.34
N PRO C 159 -6.61 2.12 -22.94
CA PRO C 159 -6.19 0.77 -22.52
C PRO C 159 -5.49 0.88 -21.17
N GLY C 160 -5.60 -0.17 -20.36
CA GLY C 160 -4.94 -0.20 -19.08
C GLY C 160 -5.45 0.75 -18.01
N GLN C 161 -6.60 1.39 -18.26
CA GLN C 161 -7.17 2.32 -17.28
C GLN C 161 -8.63 1.96 -17.03
N ASP C 162 -9.15 2.30 -15.86
CA ASP C 162 -10.55 2.01 -15.55
C ASP C 162 -11.38 2.68 -16.64
N ALA C 163 -12.52 2.09 -16.97
CA ALA C 163 -13.40 2.63 -17.99
C ALA C 163 -13.69 4.12 -17.73
N ASN C 164 -13.48 4.92 -18.77
CA ASN C 164 -13.69 6.37 -18.72
C ASN C 164 -13.00 7.07 -17.55
N ALA C 165 -11.82 6.59 -17.18
CA ALA C 165 -11.08 7.21 -16.10
C ALA C 165 -10.53 8.53 -16.61
N GLY C 166 -10.23 8.59 -17.91
CA GLY C 166 -9.67 9.79 -18.50
C GLY C 166 -8.28 10.00 -17.92
N CYS C 167 -7.67 11.16 -18.18
CA CYS C 167 -6.36 11.45 -17.64
C CYS C 167 -6.56 12.31 -16.40
N GLY C 168 -6.32 11.74 -15.23
CA GLY C 168 -6.53 12.47 -14.00
C GLY C 168 -5.33 12.69 -13.10
N ILE C 169 -5.37 13.81 -12.40
CA ILE C 169 -4.34 14.22 -11.47
C ILE C 169 -5.03 14.49 -10.14
N GLU C 170 -4.53 13.85 -9.08
CA GLU C 170 -5.11 14.02 -7.75
C GLU C 170 -4.35 15.09 -6.98
N ALA C 171 -5.07 15.98 -6.31
CA ALA C 171 -4.45 17.03 -5.53
C ALA C 171 -3.77 16.41 -4.31
N THR C 172 -2.76 17.10 -3.78
CA THR C 172 -2.04 16.61 -2.60
C THR C 172 -2.55 17.28 -1.33
N ASP C 173 -3.22 18.41 -1.48
CA ASP C 173 -3.78 19.17 -0.34
C ASP C 173 -5.12 18.58 0.12
N PRO C 174 -5.24 18.23 1.41
CA PRO C 174 -6.46 17.66 1.99
C PRO C 174 -7.61 18.67 2.01
N ASN C 175 -7.27 19.96 1.87
CA ASN C 175 -8.29 21.00 1.87
C ASN C 175 -8.68 21.39 0.45
N SER C 176 -8.32 20.55 -0.50
CA SER C 176 -8.62 20.81 -1.90
C SER C 176 -10.03 20.34 -2.27
N TYR C 177 -10.67 19.61 -1.36
CA TYR C 177 -11.98 19.04 -1.66
C TYR C 177 -12.85 18.82 -0.42
N GLY C 178 -14.16 18.86 -0.63
CA GLY C 178 -15.13 18.62 0.42
C GLY C 178 -14.89 19.15 1.82
N LYS C 179 -14.94 18.25 2.79
CA LYS C 179 -14.78 18.60 4.21
C LYS C 179 -13.64 19.56 4.53
N GLY C 180 -12.42 19.21 4.12
CA GLY C 180 -11.29 20.08 4.39
C GLY C 180 -11.42 21.44 3.73
N PHE C 181 -11.83 21.44 2.48
CA PHE C 181 -12.03 22.68 1.72
C PHE C 181 -12.98 23.58 2.51
N ASN C 182 -14.11 23.01 2.93
CA ASN C 182 -15.10 23.80 3.67
C ASN C 182 -14.59 24.29 5.02
N SER C 183 -13.76 23.49 5.69
CA SER C 183 -13.25 23.88 7.00
C SER C 183 -12.37 25.12 6.97
N ILE C 184 -11.72 25.39 5.84
CA ILE C 184 -10.88 26.59 5.76
C ILE C 184 -11.61 27.73 5.07
N GLY C 185 -12.90 27.56 4.83
CA GLY C 185 -13.66 28.61 4.19
C GLY C 185 -13.49 28.63 2.69
N GLY C 186 -13.14 27.50 2.11
CA GLY C 186 -12.99 27.39 0.67
C GLY C 186 -11.70 27.91 0.03
N GLY C 187 -11.86 28.46 -1.16
CA GLY C 187 -10.71 28.97 -1.89
C GLY C 187 -11.06 29.23 -3.34
N ILE C 188 -10.04 29.35 -4.17
CA ILE C 188 -10.24 29.64 -5.58
C ILE C 188 -9.67 28.58 -6.51
N TYR C 189 -10.44 28.23 -7.53
CA TYR C 189 -10.00 27.28 -8.53
C TYR C 189 -9.98 28.04 -9.85
N ALA C 190 -8.81 28.11 -10.48
CA ALA C 190 -8.66 28.81 -11.75
C ALA C 190 -8.28 27.80 -12.83
N THR C 191 -8.96 27.86 -13.96
CA THR C 191 -8.71 26.94 -15.06
C THR C 191 -8.42 27.68 -16.36
N GLU C 192 -7.26 27.43 -16.95
CA GLU C 192 -6.88 28.09 -18.20
C GLU C 192 -6.92 27.09 -19.35
N ILE C 193 -7.57 27.49 -20.44
CA ILE C 193 -7.67 26.64 -21.63
C ILE C 193 -7.01 27.38 -22.80
N THR C 194 -5.93 26.81 -23.32
CA THR C 194 -5.21 27.41 -24.45
C THR C 194 -5.04 26.38 -25.56
N PRO C 195 -4.56 26.82 -26.74
CA PRO C 195 -4.36 25.88 -27.85
C PRO C 195 -3.22 24.92 -27.56
N ASN C 196 -2.50 25.19 -26.48
CA ASN C 196 -1.35 24.37 -26.09
C ASN C 196 -1.61 23.50 -24.85
N GLY C 197 -2.80 23.59 -24.28
CA GLY C 197 -3.09 22.79 -23.11
C GLY C 197 -4.06 23.39 -22.11
N ILE C 198 -4.21 22.70 -20.98
CA ILE C 198 -5.11 23.11 -19.92
C ILE C 198 -4.38 23.06 -18.57
N SER C 199 -4.61 24.07 -17.74
CA SER C 199 -3.97 24.14 -16.43
C SER C 199 -5.02 24.47 -15.37
N ILE C 200 -4.90 23.84 -14.20
CA ILE C 200 -5.82 24.08 -13.11
C ILE C 200 -5.03 24.40 -11.85
N TRP C 201 -5.36 25.54 -11.25
CA TRP C 201 -4.72 26.01 -10.03
C TRP C 201 -5.70 25.98 -8.88
N PHE C 202 -5.20 25.67 -7.69
CA PHE C 202 -6.03 25.69 -6.49
C PHE C 202 -5.34 26.58 -5.47
N PHE C 203 -6.03 27.65 -5.08
CA PHE C 203 -5.49 28.58 -4.09
C PHE C 203 -6.36 28.54 -2.84
N PRO C 204 -5.91 27.84 -1.79
CA PRO C 204 -6.73 27.80 -0.58
C PRO C 204 -6.98 29.22 -0.05
N ARG C 205 -8.10 29.41 0.64
CA ARG C 205 -8.49 30.70 1.18
C ARG C 205 -7.35 31.59 1.69
N GLY C 206 -7.20 32.76 1.06
CA GLY C 206 -6.17 33.69 1.48
C GLY C 206 -4.81 33.62 0.82
N SER C 207 -4.55 32.55 0.07
CA SER C 207 -3.26 32.40 -0.58
C SER C 207 -3.25 32.70 -2.07
N GLU C 208 -4.35 33.23 -2.59
CA GLU C 208 -4.41 33.50 -4.03
C GLU C 208 -3.59 34.73 -4.46
N PRO C 209 -3.11 34.73 -5.70
CA PRO C 209 -2.32 35.87 -6.19
C PRO C 209 -3.23 37.11 -6.20
N GLY C 210 -2.63 38.29 -6.13
CA GLY C 210 -3.41 39.52 -6.09
C GLY C 210 -4.15 39.94 -7.33
N ASP C 211 -3.97 39.23 -8.45
CA ASP C 211 -4.66 39.60 -9.68
C ASP C 211 -5.71 38.60 -10.15
N VAL C 212 -5.81 37.46 -9.47
CA VAL C 212 -6.75 36.42 -9.87
C VAL C 212 -8.21 36.84 -9.92
N LEU C 213 -8.59 37.81 -9.10
CA LEU C 213 -9.98 38.28 -9.07
C LEU C 213 -10.12 39.60 -9.80
N GLY C 214 -8.98 40.18 -10.19
CA GLY C 214 -8.97 41.46 -10.88
C GLY C 214 -9.50 41.49 -12.29
N ASP C 215 -9.14 42.55 -13.02
CA ASP C 215 -9.57 42.71 -14.40
C ASP C 215 -8.58 42.23 -15.43
N ASN C 216 -7.38 41.86 -15.00
CA ASN C 216 -6.35 41.41 -15.93
C ASN C 216 -5.45 40.35 -15.31
N PRO C 217 -6.03 39.20 -14.94
CA PRO C 217 -5.21 38.14 -14.34
C PRO C 217 -4.22 37.57 -15.34
N ASN C 218 -3.02 37.24 -14.88
CA ASN C 218 -1.99 36.70 -15.76
C ASN C 218 -1.43 35.42 -15.16
N PRO C 219 -1.98 34.26 -15.56
CA PRO C 219 -1.56 32.94 -15.07
C PRO C 219 -0.07 32.65 -15.26
N ALA C 220 0.52 33.25 -16.29
CA ALA C 220 1.93 33.04 -16.62
C ALA C 220 2.88 33.34 -15.46
N ASN C 221 2.42 34.15 -14.51
CA ASN C 221 3.26 34.51 -13.38
C ASN C 221 2.83 33.91 -12.04
N TRP C 222 1.83 33.02 -12.08
CA TRP C 222 1.38 32.38 -10.85
C TRP C 222 2.25 31.17 -10.55
N ASP C 223 2.14 30.65 -9.33
CA ASP C 223 2.91 29.47 -8.93
C ASP C 223 2.52 28.27 -9.79
N THR C 224 3.25 27.18 -9.62
CA THR C 224 3.01 25.96 -10.38
C THR C 224 1.57 25.47 -10.17
N PRO C 225 0.86 25.12 -11.25
CA PRO C 225 -0.51 24.64 -11.12
C PRO C 225 -0.63 23.29 -10.42
N ALA C 226 -1.82 23.00 -9.88
CA ALA C 226 -2.07 21.75 -9.19
C ALA C 226 -2.16 20.64 -10.23
N ALA C 227 -2.62 21.01 -11.42
CA ALA C 227 -2.75 20.08 -12.51
C ALA C 227 -2.47 20.79 -13.82
N LYS C 228 -1.77 20.09 -14.71
CA LYS C 228 -1.41 20.65 -16.01
C LYS C 228 -1.55 19.52 -17.01
N PHE C 229 -2.23 19.79 -18.11
CA PHE C 229 -2.44 18.81 -19.17
C PHE C 229 -1.83 19.40 -20.44
N ALA C 230 -0.65 18.93 -20.82
CA ALA C 230 0.01 19.47 -22.00
C ALA C 230 0.96 18.47 -22.64
N GLY C 231 1.58 18.87 -23.75
CA GLY C 231 2.52 18.01 -24.44
C GLY C 231 2.13 17.74 -25.89
N GLY C 232 3.07 17.20 -26.65
CA GLY C 232 2.82 16.89 -28.04
C GLY C 232 1.97 15.65 -28.22
N GLY C 233 1.67 14.98 -27.11
CA GLY C 233 0.86 13.77 -27.19
C GLY C 233 -0.62 14.04 -27.40
N CYS C 234 -0.99 15.29 -27.67
CA CYS C 234 -2.39 15.62 -27.89
C CYS C 234 -2.60 16.90 -28.69
N ASP C 235 -3.56 16.86 -29.62
CA ASP C 235 -3.91 18.03 -30.42
C ASP C 235 -4.92 18.81 -29.60
N TRP C 236 -4.42 19.56 -28.62
CA TRP C 236 -5.25 20.35 -27.70
C TRP C 236 -6.30 21.22 -28.38
N GLU C 237 -5.89 21.95 -29.40
CA GLU C 237 -6.80 22.82 -30.12
C GLU C 237 -7.96 22.03 -30.72
N GLY C 238 -7.65 20.86 -31.26
CA GLY C 238 -8.68 20.05 -31.89
C GLY C 238 -9.53 19.16 -31.01
N LYS C 239 -8.97 18.69 -29.89
CA LYS C 239 -9.72 17.81 -29.00
C LYS C 239 -10.78 18.54 -28.16
N PHE C 240 -10.67 19.86 -28.08
CA PHE C 240 -11.63 20.64 -27.31
C PHE C 240 -12.22 21.81 -28.10
N ASN C 241 -13.54 21.97 -28.01
CA ASN C 241 -14.20 23.08 -28.67
C ASN C 241 -14.91 23.94 -27.61
N ALA C 242 -15.89 24.74 -28.03
CA ALA C 242 -16.62 25.61 -27.10
C ALA C 242 -17.16 24.86 -25.87
N GLN C 243 -16.65 25.23 -24.70
CA GLN C 243 -17.04 24.58 -23.44
C GLN C 243 -18.10 25.38 -22.68
N ARG C 244 -19.01 24.67 -22.01
CA ARG C 244 -20.02 25.31 -21.21
C ARG C 244 -19.75 24.89 -19.76
N LEU C 245 -19.93 25.82 -18.82
CA LEU C 245 -19.68 25.54 -17.40
C LEU C 245 -20.85 24.79 -16.80
N ILE C 246 -20.53 23.80 -15.97
CA ILE C 246 -21.56 22.97 -15.33
C ILE C 246 -21.34 22.77 -13.84
N PHE C 247 -22.42 22.92 -13.08
CA PHE C 247 -22.44 22.71 -11.63
C PHE C 247 -23.45 21.60 -11.40
N ASP C 248 -23.10 20.60 -10.60
CA ASP C 248 -24.07 19.56 -10.30
C ASP C 248 -23.64 18.73 -9.12
N VAL C 249 -24.59 17.95 -8.61
CA VAL C 249 -24.35 17.00 -7.55
C VAL C 249 -25.26 15.84 -7.87
N THR C 250 -24.70 14.68 -8.18
CA THR C 250 -25.54 13.54 -8.45
C THR C 250 -25.30 12.57 -7.29
N PHE C 251 -26.01 11.44 -7.28
CA PHE C 251 -25.88 10.47 -6.20
C PHE C 251 -25.68 9.08 -6.78
N CYS C 252 -24.87 8.28 -6.11
CA CYS C 252 -24.60 6.91 -6.56
C CYS C 252 -24.18 6.93 -8.03
N GLY C 253 -24.85 6.15 -8.88
CA GLY C 253 -24.50 6.15 -10.29
C GLY C 253 -23.23 5.41 -10.67
N ASP C 254 -22.76 5.65 -11.90
CA ASP C 254 -21.58 4.97 -12.43
C ASP C 254 -20.30 5.01 -11.60
N TRP C 255 -20.06 6.10 -10.89
CA TRP C 255 -18.84 6.19 -10.08
C TRP C 255 -19.15 5.95 -8.60
N ALA C 256 -19.71 6.95 -7.93
CA ALA C 256 -20.03 6.84 -6.51
C ALA C 256 -20.78 5.55 -6.15
N GLY C 257 -21.81 5.22 -6.91
CA GLY C 257 -22.58 4.04 -6.61
C GLY C 257 -21.80 2.75 -6.77
N ASN C 258 -20.84 2.74 -7.69
CA ASN C 258 -20.05 1.55 -7.95
C ASN C 258 -18.91 1.29 -6.97
N VAL C 259 -18.39 2.33 -6.35
CA VAL C 259 -17.30 2.17 -5.40
C VAL C 259 -17.76 2.33 -3.97
N TRP C 260 -19.06 2.13 -3.76
CA TRP C 260 -19.66 2.24 -2.44
C TRP C 260 -19.20 1.11 -1.55
N GLY C 261 -19.47 -0.11 -2.02
CA GLY C 261 -19.12 -1.31 -1.27
C GLY C 261 -17.65 -1.55 -1.00
N ILE C 262 -16.78 -0.67 -1.47
CA ILE C 262 -15.35 -0.84 -1.24
C ILE C 262 -14.73 0.38 -0.56
N GLY C 263 -15.49 1.48 -0.50
CA GLY C 263 -14.99 2.69 0.14
C GLY C 263 -15.33 2.73 1.63
N GLY C 264 -15.11 3.87 2.27
CA GLY C 264 -15.39 4.00 3.69
C GLY C 264 -16.86 4.20 4.06
N CYS C 265 -17.76 4.05 3.09
CA CYS C 265 -19.18 4.22 3.32
C CYS C 265 -19.93 2.88 3.29
N ALA C 266 -19.23 1.82 2.94
CA ALA C 266 -19.81 0.48 2.82
C ALA C 266 -20.72 0.04 3.97
N SER C 267 -20.35 0.40 5.19
CA SER C 267 -21.15 -0.01 6.35
C SER C 267 -22.32 0.92 6.69
N ARG C 268 -22.41 2.07 6.04
CA ARG C 268 -23.49 3.02 6.31
C ARG C 268 -24.86 2.51 5.88
N ALA C 269 -24.87 1.60 4.90
CA ALA C 269 -26.10 1.00 4.39
C ALA C 269 -25.72 -0.14 3.46
N ALA C 270 -26.69 -1.01 3.16
CA ALA C 270 -26.45 -2.14 2.28
C ALA C 270 -25.87 -1.67 0.95
N ASN C 271 -26.38 -0.56 0.43
CA ASN C 271 -25.89 -0.01 -0.82
C ASN C 271 -26.12 1.49 -0.87
N CYS C 272 -25.53 2.14 -1.88
CA CYS C 272 -25.63 3.59 -2.03
C CYS C 272 -27.06 4.12 -2.14
N VAL C 273 -27.87 3.49 -2.99
CA VAL C 273 -29.24 3.97 -3.17
C VAL C 273 -30.04 3.97 -1.87
N ASP C 274 -29.92 2.90 -1.09
CA ASP C 274 -30.64 2.81 0.19
C ASP C 274 -30.24 3.96 1.11
N PHE C 275 -28.95 4.24 1.18
CA PHE C 275 -28.48 5.31 2.04
C PHE C 275 -29.01 6.67 1.60
N VAL C 276 -28.89 6.96 0.32
CA VAL C 276 -29.34 8.24 -0.22
C VAL C 276 -30.85 8.41 -0.07
N ARG C 277 -31.59 7.34 -0.35
CA ARG C 277 -33.05 7.40 -0.25
C ARG C 277 -33.57 7.62 1.18
N ASP C 278 -33.02 6.87 2.13
CA ASP C 278 -33.48 6.93 3.52
C ASP C 278 -32.79 7.86 4.51
N ASN C 279 -31.72 8.53 4.11
CA ASN C 279 -31.03 9.41 5.06
C ASN C 279 -30.89 10.86 4.57
N PRO C 280 -32.04 11.55 4.37
CA PRO C 280 -32.01 12.95 3.90
C PRO C 280 -31.09 13.91 4.64
N SER C 281 -31.11 13.90 5.97
CA SER C 281 -30.30 14.81 6.77
C SER C 281 -28.80 14.72 6.51
N ALA C 282 -28.35 13.57 6.01
CA ALA C 282 -26.94 13.39 5.75
C ALA C 282 -26.39 14.30 4.64
N PHE C 283 -27.28 14.90 3.85
CA PHE C 283 -26.84 15.73 2.73
C PHE C 283 -26.88 17.25 2.87
N ALA C 284 -26.97 17.73 4.11
CA ALA C 284 -27.01 19.16 4.37
C ALA C 284 -25.74 19.89 3.89
N GLU C 285 -24.60 19.20 3.93
CA GLU C 285 -23.34 19.81 3.51
C GLU C 285 -23.10 19.76 2.00
N SER C 286 -24.00 19.11 1.28
CA SER C 286 -23.83 18.99 -0.17
C SER C 286 -24.32 20.22 -0.93
N TYR C 287 -23.63 21.35 -0.75
CA TYR C 287 -24.02 22.58 -1.44
C TYR C 287 -22.84 23.45 -1.84
N TRP C 288 -23.02 24.20 -2.91
CA TRP C 288 -22.01 25.12 -3.39
C TRP C 288 -22.41 26.48 -2.84
N LEU C 289 -21.40 27.30 -2.54
CA LEU C 289 -21.64 28.66 -2.05
C LEU C 289 -20.60 29.49 -2.82
N VAL C 290 -21.06 30.21 -3.83
CA VAL C 290 -20.20 30.99 -4.69
C VAL C 290 -20.00 32.46 -4.32
N ASN C 291 -18.73 32.85 -4.21
CA ASN C 291 -18.38 34.23 -3.94
C ASN C 291 -18.37 34.94 -5.29
N SER C 292 -17.81 34.27 -6.30
CA SER C 292 -17.78 34.84 -7.64
C SER C 292 -17.36 33.82 -8.70
N LEU C 293 -17.81 34.06 -9.91
CA LEU C 293 -17.49 33.21 -11.05
C LEU C 293 -17.26 34.16 -12.21
N ARG C 294 -16.03 34.21 -12.71
CA ARG C 294 -15.68 35.09 -13.80
C ARG C 294 -14.87 34.39 -14.87
N VAL C 295 -15.18 34.69 -16.13
CA VAL C 295 -14.48 34.08 -17.24
C VAL C 295 -13.80 35.16 -18.07
N TYR C 296 -12.55 34.89 -18.45
CA TYR C 296 -11.76 35.84 -19.23
C TYR C 296 -11.37 35.21 -20.56
N ALA C 297 -10.98 36.05 -21.50
CA ALA C 297 -10.55 35.61 -22.81
C ALA C 297 -9.21 36.27 -23.12
N PRO C 298 -8.33 35.58 -23.85
CA PRO C 298 -7.03 36.17 -24.17
C PRO C 298 -7.12 37.33 -25.16
N GLU D 1 16.59 -12.46 13.03
CA GLU D 1 15.97 -13.60 13.75
C GLU D 1 16.79 -14.00 14.98
N PHE D 2 17.92 -14.67 14.75
CA PHE D 2 18.78 -15.12 15.84
C PHE D 2 19.89 -14.15 16.27
N TYR D 3 20.02 -13.96 17.58
CA TYR D 3 21.06 -13.09 18.12
C TYR D 3 22.06 -13.93 18.89
N HIS D 4 23.34 -13.55 18.84
CA HIS D 4 24.37 -14.27 19.57
C HIS D 4 25.32 -13.23 20.19
N LEU D 5 25.94 -13.58 21.31
CA LEU D 5 26.83 -12.68 22.00
C LEU D 5 28.10 -12.32 21.23
N VAL D 6 28.40 -11.03 21.14
CA VAL D 6 29.60 -10.56 20.47
C VAL D 6 30.54 -9.91 21.47
N ASP D 7 29.96 -9.30 22.50
CA ASP D 7 30.76 -8.61 23.51
C ASP D 7 30.14 -8.59 24.91
N ASP D 8 30.77 -9.28 25.85
CA ASP D 8 30.32 -9.29 27.24
C ASP D 8 31.35 -8.40 27.94
N TYR D 9 30.91 -7.27 28.47
CA TYR D 9 31.83 -6.34 29.12
C TYR D 9 32.36 -6.74 30.49
N GLY D 10 31.85 -7.84 31.03
CA GLY D 10 32.32 -8.29 32.33
C GLY D 10 32.05 -7.33 33.48
N ARG D 11 33.02 -7.22 34.39
CA ARG D 11 32.85 -6.35 35.55
C ARG D 11 34.18 -5.76 36.04
N GLY D 12 34.09 -4.71 36.84
CA GLY D 12 35.28 -4.08 37.38
C GLY D 12 36.34 -3.72 36.37
N ASN D 13 37.59 -3.99 36.72
CA ASN D 13 38.71 -3.67 35.84
C ASN D 13 38.58 -4.22 34.43
N GLY D 14 38.05 -5.44 34.30
CA GLY D 14 37.89 -6.01 32.98
C GLY D 14 36.90 -5.18 32.19
N PHE D 15 35.92 -4.62 32.90
CA PHE D 15 34.89 -3.76 32.31
C PHE D 15 35.55 -2.46 31.85
N PHE D 16 36.28 -1.82 32.75
CA PHE D 16 36.94 -0.55 32.45
C PHE D 16 38.00 -0.67 31.36
N ASP D 17 38.62 -1.84 31.23
CA ASP D 17 39.65 -2.04 30.20
C ASP D 17 39.07 -1.93 28.80
N LYS D 18 37.74 -2.00 28.70
CA LYS D 18 37.09 -1.93 27.39
C LYS D 18 36.63 -0.52 27.00
N PHE D 19 36.93 0.45 27.86
CA PHE D 19 36.57 1.85 27.61
C PHE D 19 37.76 2.80 27.68
N ASN D 20 37.60 3.95 27.04
CA ASN D 20 38.61 5.00 27.08
C ASN D 20 38.02 6.04 28.02
N PHE D 21 38.84 6.64 28.88
CA PHE D 21 38.33 7.66 29.80
C PHE D 21 38.58 9.05 29.23
N PHE D 22 37.48 9.70 28.84
CA PHE D 22 37.51 11.03 28.26
C PHE D 22 37.96 12.02 29.32
N THR D 23 38.98 12.81 29.04
CA THR D 23 39.48 13.79 30.01
C THR D 23 39.42 15.23 29.55
N GLY D 24 39.04 15.46 28.30
CA GLY D 24 38.98 16.83 27.81
C GLY D 24 37.85 17.60 28.45
N ASP D 25 37.74 18.89 28.12
CA ASP D 25 36.66 19.70 28.67
C ASP D 25 35.37 19.10 28.13
N ASP D 26 34.30 19.20 28.91
CA ASP D 26 33.01 18.64 28.51
C ASP D 26 32.46 19.23 27.22
N PRO D 27 32.16 18.38 26.23
CA PRO D 27 31.62 18.88 24.96
C PRO D 27 30.34 19.68 25.17
N THR D 28 29.58 19.35 26.21
CA THR D 28 28.33 20.07 26.49
C THR D 28 28.51 21.22 27.49
N HIS D 29 29.76 21.65 27.64
CA HIS D 29 30.13 22.78 28.51
C HIS D 29 29.63 22.76 29.95
N GLY D 30 29.51 21.57 30.53
CA GLY D 30 29.05 21.49 31.90
C GLY D 30 30.13 21.87 32.91
N TYR D 31 29.72 22.03 34.16
CA TYR D 31 30.65 22.37 35.24
C TYR D 31 31.13 21.03 35.78
N VAL D 32 31.89 20.32 34.94
CA VAL D 32 32.39 19.00 35.29
C VAL D 32 33.89 18.85 35.05
N ASP D 33 34.53 18.01 35.85
CA ASP D 33 35.96 17.73 35.71
C ASP D 33 36.08 16.23 35.45
N TYR D 34 36.14 15.87 34.17
CA TYR D 34 36.27 14.47 33.78
C TYR D 34 37.71 14.01 34.06
N VAL D 35 37.84 13.00 34.93
CA VAL D 35 39.16 12.52 35.31
C VAL D 35 39.59 11.18 34.71
N SER D 36 40.89 10.92 34.80
CA SER D 36 41.49 9.69 34.28
C SER D 36 41.04 8.51 35.11
N ARG D 37 41.27 7.31 34.58
CA ARG D 37 40.90 6.09 35.29
C ARG D 37 41.64 6.00 36.63
N ASP D 38 42.92 6.38 36.64
CA ASP D 38 43.68 6.32 37.89
C ASP D 38 43.16 7.30 38.95
N VAL D 39 42.90 8.53 38.54
CA VAL D 39 42.39 9.54 39.49
C VAL D 39 41.01 9.13 39.99
N ALA D 40 40.18 8.60 39.09
CA ALA D 40 38.84 8.17 39.45
C ALA D 40 38.90 7.05 40.48
N ALA D 41 39.77 6.08 40.24
CA ALA D 41 39.91 4.96 41.15
C ALA D 41 40.39 5.45 42.52
N GLY D 42 41.34 6.37 42.52
CA GLY D 42 41.86 6.91 43.77
C GLY D 42 40.85 7.77 44.52
N ALA D 43 39.81 8.21 43.82
CA ALA D 43 38.79 9.06 44.41
C ALA D 43 37.48 8.32 44.72
N GLY D 44 37.46 7.02 44.43
CA GLY D 44 36.26 6.23 44.68
C GLY D 44 35.17 6.44 43.63
N LEU D 45 35.51 7.05 42.50
CA LEU D 45 34.54 7.30 41.43
C LEU D 45 34.23 6.06 40.59
N ILE D 46 35.15 5.09 40.58
CA ILE D 46 34.91 3.86 39.84
C ILE D 46 35.34 2.71 40.72
N GLY D 47 34.82 1.52 40.43
CA GLY D 47 35.18 0.36 41.20
C GLY D 47 34.15 -0.73 41.07
N GLU D 48 34.22 -1.71 41.97
CA GLU D 48 33.30 -2.83 41.95
C GLU D 48 32.58 -2.84 43.30
N ARG D 49 31.32 -3.24 43.28
CA ARG D 49 30.50 -3.30 44.49
C ARG D 49 29.71 -4.60 44.44
N ASP D 50 30.18 -5.60 45.19
CA ASP D 50 29.52 -6.90 45.23
C ASP D 50 29.29 -7.46 43.83
N GLY D 51 30.31 -7.42 42.98
CA GLY D 51 30.16 -7.98 41.64
C GLY D 51 29.64 -7.01 40.59
N ARG D 52 29.04 -5.91 41.02
CA ARG D 52 28.53 -4.92 40.07
C ARG D 52 29.57 -3.84 39.81
N THR D 53 29.53 -3.25 38.62
CA THR D 53 30.49 -2.21 38.26
C THR D 53 29.94 -0.83 38.59
N TYR D 54 30.70 -0.09 39.39
CA TYR D 54 30.32 1.24 39.85
C TYR D 54 31.03 2.40 39.15
N MET D 55 30.25 3.42 38.78
CA MET D 55 30.77 4.63 38.13
C MET D 55 29.93 5.78 38.69
N GLY D 56 30.55 6.67 39.47
CA GLY D 56 29.81 7.78 40.06
C GLY D 56 30.55 9.10 40.01
N VAL D 57 30.16 10.04 40.88
CA VAL D 57 30.80 11.34 40.92
C VAL D 57 31.29 11.69 42.32
N ASP D 58 32.06 12.77 42.41
CA ASP D 58 32.59 13.25 43.69
C ASP D 58 31.43 13.83 44.50
N PHE D 59 31.10 13.20 45.63
CA PHE D 59 30.04 13.74 46.48
C PHE D 59 30.61 14.05 47.86
N THR D 60 31.93 14.27 47.90
CA THR D 60 32.60 14.56 49.16
C THR D 60 33.23 15.95 49.26
N ASN D 61 33.94 16.38 48.24
CA ASN D 61 34.62 17.69 48.29
C ASN D 61 33.96 18.83 47.55
N PRO D 62 34.07 20.06 48.10
CA PRO D 62 33.48 21.17 47.38
C PRO D 62 34.28 21.26 46.09
N ALA D 63 33.63 21.57 44.97
CA ALA D 63 34.32 21.61 43.69
C ALA D 63 35.27 22.79 43.48
N SER D 64 36.16 22.63 42.52
CA SER D 64 37.15 23.65 42.17
C SER D 64 37.57 23.40 40.73
N GLY D 65 38.35 24.32 40.16
CA GLY D 65 38.80 24.14 38.79
C GLY D 65 37.66 24.07 37.79
N ARG D 66 37.71 23.11 36.87
CA ARG D 66 36.70 22.93 35.83
C ARG D 66 35.30 22.59 36.35
N GLY D 67 35.23 21.99 37.54
CA GLY D 67 33.94 21.63 38.09
C GLY D 67 34.02 20.38 38.95
N ARG D 68 32.88 19.77 39.21
CA ARG D 68 32.81 18.57 40.04
C ARG D 68 33.35 17.37 39.27
N ARG D 69 34.14 16.55 39.95
CA ARG D 69 34.75 15.38 39.32
C ARG D 69 33.76 14.29 38.95
N SER D 70 33.96 13.73 37.76
CA SER D 70 33.11 12.68 37.23
C SER D 70 33.92 11.93 36.18
N VAL D 71 33.29 10.97 35.51
CA VAL D 71 33.98 10.22 34.46
C VAL D 71 33.08 10.06 33.26
N ARG D 72 33.70 9.97 32.09
CA ARG D 72 32.98 9.75 30.84
C ARG D 72 33.73 8.63 30.13
N LEU D 73 33.07 7.48 30.00
CA LEU D 73 33.67 6.33 29.35
C LEU D 73 33.10 6.09 27.95
N GLU D 74 33.99 5.86 27.00
CA GLU D 74 33.57 5.60 25.62
C GLU D 74 34.19 4.27 25.20
N SER D 75 33.35 3.32 24.81
CA SER D 75 33.84 2.00 24.43
C SER D 75 34.90 2.01 23.34
N LYS D 76 35.80 1.05 23.39
CA LYS D 76 36.85 0.91 22.39
C LYS D 76 36.23 0.27 21.15
N ASN D 77 35.37 -0.71 21.36
CA ASN D 77 34.69 -1.40 20.28
C ASN D 77 33.47 -0.61 19.80
N THR D 78 33.11 -0.78 18.54
CA THR D 78 31.95 -0.11 17.96
C THR D 78 31.02 -1.15 17.33
N TYR D 79 29.75 -0.81 17.21
CA TYR D 79 28.77 -1.74 16.65
C TYR D 79 27.84 -1.05 15.65
N GLU D 80 27.57 -1.73 14.54
CA GLU D 80 26.68 -1.17 13.52
C GLU D 80 25.28 -1.70 13.76
N HIS D 81 25.10 -3.01 13.58
CA HIS D 81 23.81 -3.63 13.82
C HIS D 81 23.95 -4.49 15.06
N GLY D 82 22.91 -4.56 15.88
CA GLY D 82 23.01 -5.38 17.06
C GLY D 82 21.99 -5.08 18.13
N LEU D 83 22.18 -5.73 19.27
CA LEU D 83 21.31 -5.57 20.42
C LEU D 83 22.20 -5.28 21.62
N ILE D 84 21.96 -4.13 22.26
CA ILE D 84 22.74 -3.72 23.43
C ILE D 84 21.86 -3.89 24.66
N VAL D 85 22.26 -4.81 25.55
CA VAL D 85 21.49 -5.07 26.76
C VAL D 85 22.26 -4.67 28.01
N ILE D 86 21.67 -3.76 28.79
CA ILE D 86 22.30 -3.33 30.03
C ILE D 86 21.36 -3.56 31.20
N ASP D 87 21.86 -4.28 32.20
CA ASP D 87 21.10 -4.56 33.41
C ASP D 87 21.71 -3.66 34.48
N LEU D 88 20.92 -2.68 34.95
CA LEU D 88 21.38 -1.74 35.96
C LEU D 88 20.68 -1.92 37.30
N ALA D 89 21.47 -2.00 38.37
CA ALA D 89 20.89 -2.12 39.70
C ALA D 89 20.62 -0.69 40.19
N HIS D 90 21.30 0.28 39.59
CA HIS D 90 21.17 1.69 39.99
C HIS D 90 21.70 2.58 38.86
N MET D 91 21.15 3.78 38.73
CA MET D 91 21.60 4.74 37.72
C MET D 91 21.63 6.09 38.43
N PRO D 92 22.33 7.09 37.86
CA PRO D 92 22.35 8.39 38.54
C PRO D 92 20.95 8.85 38.89
N GLY D 93 20.75 9.27 40.14
CA GLY D 93 19.44 9.71 40.58
C GLY D 93 18.93 11.01 39.98
N SER D 94 17.71 11.36 40.32
CA SER D 94 17.08 12.59 39.83
C SER D 94 17.67 13.72 40.67
N VAL D 95 18.98 13.92 40.56
CA VAL D 95 19.67 14.94 41.34
C VAL D 95 19.82 16.29 40.66
N CYS D 96 19.43 17.34 41.39
CA CYS D 96 19.52 18.70 40.89
C CYS D 96 20.90 19.04 40.35
N GLY D 97 20.94 19.61 39.15
CA GLY D 97 22.21 19.99 38.55
C GLY D 97 22.91 18.91 37.76
N THR D 98 22.43 17.68 37.83
CA THR D 98 23.06 16.58 37.10
C THR D 98 22.46 16.34 35.72
N TRP D 99 23.25 15.71 34.86
CA TRP D 99 22.85 15.39 33.51
C TRP D 99 23.52 14.06 33.15
N PRO D 100 22.93 12.93 33.58
CA PRO D 100 23.48 11.60 33.31
C PRO D 100 23.02 11.06 31.95
N ALA D 101 23.81 10.17 31.36
CA ALA D 101 23.43 9.59 30.09
C ALA D 101 24.20 8.33 29.71
N PHE D 102 23.46 7.37 29.17
CA PHE D 102 24.02 6.13 28.65
C PHE D 102 23.54 6.22 27.22
N TRP D 103 24.47 6.33 26.28
CA TRP D 103 24.13 6.51 24.89
C TRP D 103 25.18 5.94 23.94
N THR D 104 24.91 6.06 22.64
CA THR D 104 25.84 5.58 21.63
C THR D 104 26.08 6.74 20.65
N LEU D 105 27.28 6.80 20.12
CA LEU D 105 27.67 7.85 19.18
C LEU D 105 28.30 7.23 17.94
N GLY D 106 27.97 7.75 16.77
CA GLY D 106 28.51 7.22 15.53
C GLY D 106 29.92 7.70 15.25
N THR D 107 30.62 6.99 14.38
CA THR D 107 31.98 7.37 14.02
C THR D 107 31.91 8.54 13.04
N GLY D 108 33.01 9.28 12.94
CA GLY D 108 33.03 10.42 12.03
C GLY D 108 32.40 11.66 12.63
N ASP D 109 32.15 12.65 11.77
CA ASP D 109 31.57 13.91 12.19
C ASP D 109 30.10 13.78 12.60
N TRP D 110 29.76 14.43 13.70
CA TRP D 110 28.40 14.42 14.23
C TRP D 110 27.59 15.43 13.40
N PRO D 111 26.30 15.13 13.15
CA PRO D 111 25.52 13.95 13.55
C PRO D 111 25.38 12.95 12.40
N TYR D 112 26.34 12.98 11.48
CA TYR D 112 26.31 12.10 10.31
C TYR D 112 26.40 10.63 10.61
N GLY D 113 26.99 10.29 11.76
CA GLY D 113 27.11 8.90 12.14
C GLY D 113 25.93 8.49 13.01
N GLY D 114 25.13 9.48 13.39
CA GLY D 114 23.97 9.22 14.22
C GLY D 114 24.32 9.18 15.69
N GLU D 115 23.30 9.30 16.54
CA GLU D 115 23.48 9.28 17.98
C GLU D 115 22.22 8.68 18.60
N ILE D 116 22.39 7.80 19.57
CA ILE D 116 21.26 7.17 20.24
C ILE D 116 21.34 7.41 21.74
N ASP D 117 20.36 8.13 22.29
CA ASP D 117 20.32 8.39 23.72
C ASP D 117 19.33 7.38 24.32
N ILE D 118 19.88 6.38 25.01
CA ILE D 118 19.12 5.31 25.62
C ILE D 118 18.53 5.67 26.98
N ILE D 119 19.40 6.17 27.86
CA ILE D 119 18.97 6.61 29.19
C ILE D 119 19.51 8.03 29.33
N GLU D 120 18.63 9.03 29.47
CA GLU D 120 19.09 10.40 29.60
C GLU D 120 18.05 11.30 30.26
N GLY D 121 18.54 12.27 31.02
CA GLY D 121 17.66 13.21 31.71
C GLY D 121 18.49 14.24 32.45
N VAL D 122 17.82 15.19 33.09
CA VAL D 122 18.53 16.23 33.83
C VAL D 122 17.82 16.61 35.12
N ASN D 123 18.58 17.19 36.04
CA ASN D 123 18.04 17.65 37.32
C ASN D 123 17.07 16.70 37.98
N ASP D 124 15.89 17.19 38.35
CA ASP D 124 14.90 16.35 39.02
C ASP D 124 13.90 15.67 38.10
N ASN D 125 14.31 15.41 36.86
CA ASN D 125 13.47 14.73 35.88
C ASN D 125 12.97 13.41 36.46
N THR D 126 11.78 12.99 36.03
CA THR D 126 11.16 11.77 36.51
C THR D 126 11.07 10.66 35.46
N PHE D 127 10.94 11.05 34.20
CA PHE D 127 10.81 10.09 33.12
C PHE D 127 12.02 10.09 32.21
N ASN D 128 12.38 8.91 31.72
CA ASN D 128 13.53 8.79 30.83
C ASN D 128 13.18 9.30 29.44
N HIS D 129 14.18 9.84 28.75
CA HIS D 129 13.99 10.33 27.39
C HIS D 129 14.87 9.54 26.44
N MET D 130 14.25 8.88 25.48
CA MET D 130 14.95 8.08 24.49
C MET D 130 14.89 8.91 23.21
N VAL D 131 16.06 9.35 22.76
CA VAL D 131 16.14 10.23 21.60
C VAL D 131 17.23 9.88 20.60
N LEU D 132 16.98 10.22 19.33
CA LEU D 132 17.94 9.98 18.26
C LEU D 132 18.30 11.35 17.68
N HIS D 133 19.54 11.49 17.23
CA HIS D 133 20.04 12.72 16.64
C HIS D 133 20.68 12.31 15.33
N THR D 134 20.17 12.83 14.21
CA THR D 134 20.73 12.47 12.90
C THR D 134 20.89 13.66 11.97
N SER D 135 21.37 13.38 10.77
CA SER D 135 21.54 14.39 9.74
C SER D 135 20.15 14.56 9.14
N ASP D 136 19.98 15.53 8.25
CA ASP D 136 18.66 15.76 7.67
C ASP D 136 18.11 14.60 6.84
N GLY D 137 16.81 14.39 6.94
CA GLY D 137 16.16 13.33 6.20
C GLY D 137 15.83 12.09 7.01
N CYS D 138 15.35 12.29 8.24
CA CYS D 138 14.99 11.16 9.09
C CYS D 138 13.84 11.49 10.03
N THR D 139 12.67 10.92 9.75
CA THR D 139 11.48 11.13 10.57
C THR D 139 10.92 9.76 10.96
N ILE D 140 10.20 9.70 12.08
CA ILE D 140 9.66 8.43 12.56
C ILE D 140 8.13 8.38 12.59
N ASP D 141 7.60 7.16 12.62
CA ASP D 141 6.15 6.96 12.69
C ASP D 141 5.74 7.08 14.16
N ASN D 142 4.47 7.39 14.40
CA ASN D 142 3.98 7.55 15.77
C ASN D 142 3.27 6.31 16.32
N ASP D 143 3.68 5.13 15.86
CA ASP D 143 3.10 3.87 16.33
C ASP D 143 4.16 2.81 16.58
N GLY D 144 3.82 1.83 17.42
CA GLY D 144 4.76 0.75 17.68
C GLY D 144 5.50 0.84 19.00
N PHE D 145 5.19 1.84 19.82
CA PHE D 145 5.84 1.99 21.11
C PHE D 145 4.86 2.48 22.17
N THR D 146 5.22 2.31 23.43
CA THR D 146 4.36 2.69 24.55
C THR D 146 4.60 4.11 25.06
N GLY D 147 5.79 4.64 24.77
CA GLY D 147 6.12 5.99 25.24
C GLY D 147 5.34 7.09 24.56
N ASN D 148 5.49 8.31 25.06
CA ASN D 148 4.81 9.46 24.48
C ASN D 148 5.76 10.19 23.55
N LEU D 149 5.43 10.20 22.27
CA LEU D 149 6.27 10.86 21.28
C LEU D 149 6.25 12.38 21.50
N LYS D 150 7.43 12.98 21.53
CA LYS D 150 7.54 14.43 21.72
C LYS D 150 7.90 15.12 20.40
N THR D 151 8.87 14.56 19.68
CA THR D 151 9.30 15.11 18.41
C THR D 151 9.50 13.98 17.40
N SER D 152 8.93 14.15 16.21
CA SER D 152 8.99 13.13 15.15
C SER D 152 10.17 13.25 14.19
N ASN D 153 10.85 14.38 14.18
CA ASN D 153 11.99 14.58 13.29
C ASN D 153 13.29 14.41 14.05
N CYS D 154 14.11 13.45 13.63
CA CYS D 154 15.39 13.18 14.30
C CYS D 154 16.51 14.14 13.89
N TYR D 155 16.32 14.86 12.78
CA TYR D 155 17.32 15.81 12.30
C TYR D 155 17.62 16.85 13.38
N VAL D 156 18.92 17.05 13.65
CA VAL D 156 19.36 18.01 14.67
C VAL D 156 18.89 19.44 14.45
N TYR D 157 18.49 19.75 13.22
CA TYR D 157 17.99 21.09 12.89
C TYR D 157 16.60 20.99 12.28
N ALA D 158 15.79 20.09 12.84
CA ALA D 158 14.43 19.89 12.35
C ALA D 158 13.59 21.15 12.56
N PRO D 159 12.81 21.54 11.54
CA PRO D 159 11.96 22.73 11.68
C PRO D 159 10.90 22.51 12.75
N GLY D 160 10.49 23.58 13.42
CA GLY D 160 9.46 23.46 14.44
C GLY D 160 9.88 22.74 15.71
N GLN D 161 11.15 22.38 15.82
CA GLN D 161 11.65 21.72 17.01
C GLN D 161 12.79 22.55 17.57
N ASP D 162 13.08 22.38 18.85
CA ASP D 162 14.16 23.14 19.48
C ASP D 162 15.50 22.66 18.92
N ALA D 163 16.50 23.56 18.95
CA ALA D 163 17.83 23.24 18.45
C ALA D 163 18.28 21.91 19.01
N ASN D 164 18.64 20.98 18.12
CA ASN D 164 19.12 19.67 18.50
C ASN D 164 18.21 18.86 19.43
N ALA D 165 16.89 19.03 19.29
CA ALA D 165 15.95 18.28 20.11
C ALA D 165 15.97 16.83 19.62
N GLY D 166 16.11 16.65 18.31
CA GLY D 166 16.11 15.32 17.74
C GLY D 166 14.72 14.73 17.86
N CYS D 167 14.58 13.44 17.58
CA CYS D 167 13.29 12.78 17.70
C CYS D 167 13.30 12.03 19.03
N GLY D 168 12.55 12.54 20.00
CA GLY D 168 12.53 11.92 21.30
C GLY D 168 11.19 11.37 21.73
N ILE D 169 11.24 10.28 22.47
CA ILE D 169 10.05 9.63 23.00
C ILE D 169 10.27 9.56 24.50
N GLU D 170 9.27 10.00 25.26
CA GLU D 170 9.35 10.00 26.71
C GLU D 170 8.66 8.79 27.30
N ALA D 171 9.34 8.11 28.22
CA ALA D 171 8.77 6.93 28.86
C ALA D 171 7.54 7.32 29.65
N THR D 172 6.62 6.37 29.81
CA THR D 172 5.40 6.63 30.55
C THR D 172 5.46 6.07 31.96
N ASP D 173 6.55 5.37 32.27
CA ASP D 173 6.74 4.78 33.60
C ASP D 173 7.60 5.74 34.45
N PRO D 174 7.13 6.06 35.67
CA PRO D 174 7.86 6.96 36.57
C PRO D 174 9.17 6.33 37.07
N ASN D 175 9.23 5.01 37.06
CA ASN D 175 10.41 4.27 37.50
C ASN D 175 11.35 3.98 36.33
N SER D 176 11.19 4.72 35.25
CA SER D 176 12.02 4.54 34.08
C SER D 176 13.32 5.33 34.19
N TYR D 177 13.37 6.23 35.17
CA TYR D 177 14.53 7.09 35.33
C TYR D 177 14.80 7.52 36.76
N GLY D 178 16.06 7.91 37.01
CA GLY D 178 16.49 8.40 38.31
C GLY D 178 15.98 7.75 39.58
N LYS D 179 15.49 8.60 40.48
CA LYS D 179 14.99 8.16 41.78
C LYS D 179 14.05 6.97 41.73
N GLY D 180 12.99 7.08 40.93
CA GLY D 180 12.03 5.99 40.82
C GLY D 180 12.69 4.71 40.37
N PHE D 181 13.52 4.82 39.33
CA PHE D 181 14.24 3.67 38.79
C PHE D 181 15.03 3.00 39.91
N ASN D 182 15.72 3.80 40.70
CA ASN D 182 16.54 3.26 41.78
C ASN D 182 15.71 2.68 42.93
N SER D 183 14.53 3.23 43.17
CA SER D 183 13.68 2.76 44.25
C SER D 183 13.23 1.32 44.09
N ILE D 184 13.14 0.83 42.84
CA ILE D 184 12.71 -0.53 42.60
C ILE D 184 13.87 -1.50 42.30
N GLY D 185 15.09 -1.03 42.49
CA GLY D 185 16.23 -1.89 42.23
C GLY D 185 16.64 -1.87 40.77
N GLY D 186 16.24 -0.82 40.06
CA GLY D 186 16.60 -0.67 38.67
C GLY D 186 15.84 -1.52 37.67
N GLY D 187 16.56 -1.98 36.65
CA GLY D 187 15.94 -2.81 35.63
C GLY D 187 16.85 -2.98 34.44
N ILE D 188 16.26 -3.34 33.32
CA ILE D 188 17.00 -3.60 32.10
C ILE D 188 16.59 -2.72 30.92
N TYR D 189 17.57 -2.17 30.22
CA TYR D 189 17.32 -1.35 29.05
C TYR D 189 17.96 -2.10 27.88
N ALA D 190 17.16 -2.42 26.87
CA ALA D 190 17.68 -3.12 25.71
C ALA D 190 17.44 -2.27 24.47
N THR D 191 18.48 -2.15 23.64
CA THR D 191 18.38 -1.35 22.43
C THR D 191 18.76 -2.19 21.21
N GLU D 192 17.87 -2.24 20.23
CA GLU D 192 18.13 -3.00 19.01
C GLU D 192 18.32 -2.04 17.85
N ILE D 193 19.39 -2.25 17.08
CA ILE D 193 19.69 -1.44 15.92
C ILE D 193 19.66 -2.33 14.69
N THR D 194 18.74 -2.05 13.78
CA THR D 194 18.61 -2.83 12.55
C THR D 194 18.58 -1.88 11.36
N PRO D 195 18.75 -2.41 10.14
CA PRO D 195 18.72 -1.54 8.97
C PRO D 195 17.33 -0.95 8.71
N ASN D 196 16.37 -1.33 9.55
CA ASN D 196 15.00 -0.84 9.43
C ASN D 196 14.54 0.04 10.58
N GLY D 197 15.43 0.30 11.54
CA GLY D 197 15.05 1.14 12.65
C GLY D 197 15.73 0.82 13.96
N ILE D 198 15.26 1.47 15.02
CA ILE D 198 15.82 1.28 16.35
C ILE D 198 14.70 1.16 17.38
N SER D 199 14.83 0.19 18.27
CA SER D 199 13.84 -0.05 19.32
C SER D 199 14.52 -0.08 20.68
N ILE D 200 13.85 0.46 21.68
CA ILE D 200 14.37 0.46 23.05
C ILE D 200 13.32 -0.04 24.01
N TRP D 201 13.67 -1.09 24.75
CA TRP D 201 12.79 -1.68 25.75
C TRP D 201 13.27 -1.35 27.15
N PHE D 202 12.33 -1.19 28.07
CA PHE D 202 12.65 -0.95 29.46
C PHE D 202 11.86 -1.98 30.24
N PHE D 203 12.55 -2.84 30.97
CA PHE D 203 11.91 -3.87 31.77
C PHE D 203 12.24 -3.60 33.23
N PRO D 204 11.28 -3.06 34.01
CA PRO D 204 11.57 -2.80 35.42
C PRO D 204 11.97 -4.08 36.12
N ARG D 205 12.80 -3.96 37.15
CA ARG D 205 13.30 -5.10 37.92
C ARG D 205 12.29 -6.23 38.13
N GLY D 206 12.63 -7.42 37.64
CA GLY D 206 11.76 -8.57 37.81
C GLY D 206 10.68 -8.82 36.78
N SER D 207 10.59 -7.96 35.78
CA SER D 207 9.56 -8.13 34.75
C SER D 207 10.15 -8.46 33.39
N GLU D 208 11.47 -8.53 33.30
CA GLU D 208 12.14 -8.82 32.03
C GLU D 208 11.85 -10.22 31.49
N PRO D 209 11.96 -10.39 30.15
CA PRO D 209 11.71 -11.71 29.57
C PRO D 209 12.82 -12.67 29.98
N GLY D 210 12.52 -13.96 29.96
CA GLY D 210 13.51 -14.96 30.37
C GLY D 210 14.77 -15.13 29.55
N ASP D 211 14.84 -14.50 28.38
CA ASP D 211 16.01 -14.65 27.51
C ASP D 211 16.85 -13.39 27.31
N VAL D 212 16.40 -12.27 27.87
CA VAL D 212 17.10 -11.00 27.70
C VAL D 212 18.53 -10.99 28.24
N LEU D 213 18.81 -11.86 29.22
CA LEU D 213 20.14 -11.92 29.80
C LEU D 213 20.90 -13.17 29.38
N GLY D 214 20.36 -13.93 28.44
CA GLY D 214 20.99 -15.16 28.00
C GLY D 214 21.85 -15.10 26.75
N ASP D 215 22.19 -16.28 26.23
CA ASP D 215 23.01 -16.39 25.02
C ASP D 215 22.30 -16.00 23.74
N ASN D 216 21.02 -16.34 23.63
CA ASN D 216 20.28 -16.04 22.42
C ASN D 216 18.97 -15.27 22.64
N PRO D 217 19.06 -13.98 22.99
CA PRO D 217 17.86 -13.18 23.22
C PRO D 217 17.08 -13.01 21.91
N ASN D 218 15.75 -13.01 22.00
CA ASN D 218 14.90 -12.86 20.82
C ASN D 218 13.88 -11.73 21.04
N PRO D 219 14.25 -10.50 20.65
CA PRO D 219 13.42 -9.30 20.77
C PRO D 219 12.06 -9.41 20.07
N ALA D 220 11.98 -10.32 19.09
CA ALA D 220 10.75 -10.53 18.33
C ALA D 220 9.54 -10.86 19.21
N ASN D 221 9.76 -11.62 20.28
CA ASN D 221 8.66 -12.01 21.16
C ASN D 221 8.45 -11.14 22.40
N TRP D 222 9.29 -10.13 22.60
CA TRP D 222 9.13 -9.28 23.77
C TRP D 222 7.93 -8.35 23.60
N ASP D 223 7.46 -7.79 24.71
CA ASP D 223 6.33 -6.89 24.68
C ASP D 223 6.72 -5.64 23.89
N THR D 224 5.72 -4.83 23.55
CA THR D 224 5.94 -3.60 22.80
C THR D 224 7.00 -2.76 23.50
N PRO D 225 7.98 -2.24 22.74
CA PRO D 225 9.05 -1.42 23.31
C PRO D 225 8.58 -0.05 23.80
N ALA D 226 9.33 0.51 24.74
CA ALA D 226 9.02 1.83 25.30
C ALA D 226 9.17 2.89 24.22
N ALA D 227 10.06 2.64 23.28
CA ALA D 227 10.29 3.59 22.18
C ALA D 227 10.73 2.85 20.94
N LYS D 228 10.24 3.31 19.79
CA LYS D 228 10.62 2.73 18.51
C LYS D 228 10.79 3.83 17.47
N PHE D 229 11.87 3.73 16.71
CA PHE D 229 12.18 4.72 15.69
C PHE D 229 12.25 3.99 14.36
N ALA D 230 11.16 4.06 13.60
CA ALA D 230 11.08 3.39 12.31
C ALA D 230 10.19 4.14 11.32
N GLY D 231 10.06 3.60 10.12
CA GLY D 231 9.22 4.23 9.12
C GLY D 231 9.96 4.60 7.85
N GLY D 232 9.22 4.68 6.75
CA GLY D 232 9.81 5.03 5.47
C GLY D 232 10.37 6.44 5.41
N GLY D 233 10.14 7.22 6.47
CA GLY D 233 10.62 8.58 6.49
C GLY D 233 12.10 8.72 6.87
N CYS D 234 12.86 7.63 6.73
CA CYS D 234 14.28 7.66 7.06
C CYS D 234 15.07 6.51 6.43
N ASP D 235 16.35 6.75 6.17
CA ASP D 235 17.24 5.74 5.62
C ASP D 235 18.06 5.27 6.82
N TRP D 236 17.42 4.48 7.67
CA TRP D 236 18.03 3.96 8.89
C TRP D 236 19.42 3.35 8.70
N GLU D 237 19.60 2.63 7.60
CA GLU D 237 20.88 2.01 7.31
C GLU D 237 21.97 3.04 7.08
N GLY D 238 21.63 4.12 6.37
CA GLY D 238 22.61 5.15 6.08
C GLY D 238 22.81 6.22 7.15
N LYS D 239 21.77 6.47 7.93
CA LYS D 239 21.85 7.50 8.98
C LYS D 239 22.71 7.10 10.17
N PHE D 240 22.93 5.80 10.36
CA PHE D 240 23.74 5.34 11.48
C PHE D 240 24.85 4.37 11.07
N ASN D 241 26.06 4.61 11.58
CA ASN D 241 27.18 3.73 11.30
C ASN D 241 27.65 3.10 12.61
N ALA D 242 28.91 2.68 12.67
CA ALA D 242 29.46 2.05 13.87
C ALA D 242 29.30 2.94 15.09
N GLN D 243 28.59 2.44 16.11
CA GLN D 243 28.34 3.20 17.33
C GLN D 243 29.22 2.75 18.50
N ARG D 244 29.67 3.70 19.30
CA ARG D 244 30.45 3.37 20.48
C ARG D 244 29.59 3.69 21.70
N LEU D 245 29.68 2.86 22.74
CA LEU D 245 28.89 3.03 23.96
C LEU D 245 29.51 4.07 24.88
N ILE D 246 28.67 4.96 25.41
CA ILE D 246 29.15 6.01 26.30
C ILE D 246 28.39 6.10 27.63
N PHE D 247 29.14 6.25 28.71
CA PHE D 247 28.59 6.41 30.05
C PHE D 247 29.10 7.75 30.55
N ASP D 248 28.23 8.60 31.07
CA ASP D 248 28.71 9.86 31.60
C ASP D 248 27.70 10.55 32.51
N VAL D 249 28.21 11.49 33.29
CA VAL D 249 27.39 12.30 34.17
C VAL D 249 28.08 13.66 34.17
N THR D 250 27.40 14.67 33.64
CA THR D 250 27.97 16.01 33.64
C THR D 250 27.05 16.85 34.53
N PHE D 251 27.40 18.11 34.71
CA PHE D 251 26.63 19.02 35.57
C PHE D 251 26.32 20.30 34.82
N CYS D 252 25.14 20.86 35.05
CA CYS D 252 24.73 22.09 34.40
C CYS D 252 24.94 21.99 32.88
N GLY D 253 25.66 22.93 32.28
CA GLY D 253 25.92 22.85 30.85
C GLY D 253 24.77 23.20 29.91
N ASP D 254 24.93 22.84 28.63
CA ASP D 254 23.94 23.13 27.59
C ASP D 254 22.50 22.79 27.91
N TRP D 255 22.25 21.65 28.53
CA TRP D 255 20.89 21.29 28.84
C TRP D 255 20.57 21.56 30.32
N ALA D 256 21.07 20.71 31.21
CA ALA D 256 20.81 20.85 32.64
C ALA D 256 20.99 22.29 33.14
N GLY D 257 22.08 22.93 32.75
CA GLY D 257 22.33 24.30 33.18
C GLY D 257 21.33 25.30 32.65
N ASN D 258 20.84 25.08 31.43
CA ASN D 258 19.88 25.98 30.82
C ASN D 258 18.45 25.86 31.38
N VAL D 259 18.10 24.66 31.86
CA VAL D 259 16.75 24.45 32.41
C VAL D 259 16.76 24.34 33.93
N TRP D 260 17.76 24.93 34.56
CA TRP D 260 17.87 24.90 36.02
C TRP D 260 16.62 25.49 36.67
N GLY D 261 16.04 26.50 36.03
CA GLY D 261 14.85 27.14 36.55
C GLY D 261 13.61 26.27 36.50
N ILE D 262 13.60 25.28 35.61
CA ILE D 262 12.45 24.39 35.50
C ILE D 262 12.53 23.32 36.58
N GLY D 263 11.46 23.19 37.36
CA GLY D 263 11.43 22.22 38.42
C GLY D 263 11.61 22.88 39.76
N GLY D 264 11.97 22.10 40.78
CA GLY D 264 12.14 22.67 42.11
C GLY D 264 13.58 22.87 42.54
N CYS D 265 14.51 22.74 41.59
CA CYS D 265 15.92 22.88 41.91
C CYS D 265 16.36 24.31 42.19
N ALA D 266 15.71 25.29 41.56
CA ALA D 266 16.06 26.69 41.74
C ALA D 266 15.93 27.16 43.19
N SER D 267 15.11 26.46 43.98
CA SER D 267 14.93 26.82 45.38
C SER D 267 16.13 26.38 46.21
N ARG D 268 16.97 25.54 45.62
CA ARG D 268 18.16 25.02 46.29
C ARG D 268 19.33 25.99 46.19
N ALA D 269 19.32 26.82 45.16
CA ALA D 269 20.37 27.81 44.92
C ALA D 269 19.99 28.66 43.72
N ALA D 270 20.55 29.87 43.65
CA ALA D 270 20.25 30.76 42.54
C ALA D 270 20.82 30.24 41.21
N ASN D 271 22.03 29.71 41.24
CA ASN D 271 22.68 29.21 40.04
C ASN D 271 22.98 27.72 40.10
N CYS D 272 23.02 27.07 38.94
CA CYS D 272 23.31 25.65 38.88
C CYS D 272 24.75 25.41 39.35
N VAL D 273 25.68 26.16 38.78
CA VAL D 273 27.09 26.03 39.14
C VAL D 273 27.34 26.19 40.64
N ASP D 274 26.74 27.20 41.25
CA ASP D 274 26.93 27.41 42.68
C ASP D 274 26.47 26.19 43.47
N PHE D 275 25.29 25.67 43.14
CA PHE D 275 24.76 24.51 43.84
C PHE D 275 25.72 23.31 43.74
N VAL D 276 26.17 23.01 42.53
CA VAL D 276 27.07 21.88 42.31
C VAL D 276 28.42 22.06 43.00
N ARG D 277 28.93 23.29 43.01
CA ARG D 277 30.20 23.57 43.64
C ARG D 277 30.17 23.43 45.16
N ASP D 278 29.16 24.03 45.79
CA ASP D 278 29.07 24.03 47.25
C ASP D 278 28.27 22.94 47.97
N ASN D 279 27.65 22.02 47.23
CA ASN D 279 26.85 20.99 47.88
C ASN D 279 27.27 19.57 47.51
N PRO D 280 28.49 19.17 47.86
CA PRO D 280 28.96 17.82 47.53
C PRO D 280 28.02 16.66 47.91
N SER D 281 27.52 16.67 49.15
CA SER D 281 26.65 15.60 49.63
C SER D 281 25.39 15.35 48.80
N ALA D 282 24.96 16.34 48.01
CA ALA D 282 23.76 16.18 47.21
C ALA D 282 23.91 15.18 46.07
N PHE D 283 25.15 14.85 45.72
CA PHE D 283 25.39 13.96 44.60
C PHE D 283 25.71 12.50 44.90
N ALA D 284 25.41 12.05 46.11
CA ALA D 284 25.68 10.66 46.49
C ALA D 284 24.94 9.67 45.60
N GLU D 285 23.75 10.05 45.14
CA GLU D 285 22.94 9.17 44.30
C GLU D 285 23.30 9.19 42.81
N SER D 286 24.24 10.03 42.43
CA SER D 286 24.61 10.13 41.01
C SER D 286 25.62 9.07 40.58
N TYR D 287 25.18 7.82 40.52
CA TYR D 287 26.09 6.74 40.11
C TYR D 287 25.41 5.58 39.40
N TRP D 288 26.18 4.95 38.52
CA TRP D 288 25.70 3.79 37.77
C TRP D 288 26.20 2.57 38.55
N LEU D 289 25.40 1.51 38.57
CA LEU D 289 25.80 0.27 39.21
C LEU D 289 25.31 -0.77 38.20
N VAL D 290 26.25 -1.32 37.45
CA VAL D 290 25.95 -2.27 36.39
C VAL D 290 26.01 -3.75 36.75
N ASN D 291 24.90 -4.46 36.52
CA ASN D 291 24.83 -5.90 36.77
C ASN D 291 25.52 -6.55 35.58
N SER D 292 25.27 -6.02 34.39
CA SER D 292 25.90 -6.55 33.19
C SER D 292 25.61 -5.68 31.98
N LEU D 293 26.54 -5.72 31.02
CA LEU D 293 26.42 -5.00 29.76
C LEU D 293 26.89 -5.98 28.70
N ARG D 294 25.98 -6.39 27.83
CA ARG D 294 26.31 -7.36 26.78
C ARG D 294 25.79 -6.88 25.46
N VAL D 295 26.56 -7.10 24.40
CA VAL D 295 26.16 -6.68 23.06
C VAL D 295 26.04 -7.92 22.17
N TYR D 296 24.94 -8.01 21.43
CA TYR D 296 24.69 -9.15 20.56
C TYR D 296 24.60 -8.69 19.10
N ALA D 297 24.84 -9.61 18.18
CA ALA D 297 24.76 -9.32 16.75
C ALA D 297 23.84 -10.34 16.10
N PRO D 298 23.20 -9.96 14.97
CA PRO D 298 22.31 -10.88 14.26
C PRO D 298 23.12 -11.87 13.42
C2 BGC E . -10.21 -15.33 -0.34
C3 BGC E . -9.90 -14.38 -1.48
C4 BGC E . -8.68 -13.55 -1.10
C5 BGC E . -7.53 -14.49 -0.81
C6 BGC E . -6.28 -13.67 -0.48
C1 BGC E . -8.99 -16.18 -0.03
O1 BGC E . -9.28 -17.04 1.08
O2 BGC E . -11.30 -16.20 -0.71
O3 BGC E . -11.02 -13.52 -1.71
O4 BGC E . -8.30 -12.69 -2.19
O5 BGC E . -7.88 -15.34 0.30
O6 BGC E . -5.17 -14.57 -0.27
C2 BGC E . -7.98 -10.37 -2.65
C3 BGC E . -8.63 -9.00 -2.61
C4 BGC E . -9.93 -9.06 -3.39
C5 BGC E . -10.81 -10.14 -2.80
C6 BGC E . -12.13 -10.19 -3.58
C1 BGC E . -8.94 -11.41 -2.11
O2 BGC E . -6.78 -10.36 -1.85
O3 BGC E . -7.76 -8.02 -3.20
O4 BGC E . -10.60 -7.79 -3.31
O5 BGC E . -10.15 -11.41 -2.89
O6 BGC E . -12.97 -11.22 -3.02
C2 BGC F . 2.84 -9.09 -17.82
C3 BGC F . 1.72 -8.76 -16.85
C4 BGC F . 0.50 -9.61 -17.18
C5 BGC F . 0.92 -11.06 -17.10
C6 BGC F . -0.29 -11.96 -17.35
C1 BGC F . 3.11 -10.59 -17.78
O1 BGC F . 4.14 -10.91 -18.74
O2 BGC F . 4.03 -8.39 -17.43
O3 BGC F . 1.38 -7.37 -16.96
O4 BGC F . -0.53 -9.39 -16.21
O5 BGC F . 1.92 -11.32 -18.10
O6 BGC F . 0.09 -13.33 -17.17
C2 BGC F . -2.84 -8.78 -16.14
C3 BGC F . -3.85 -7.72 -16.55
C4 BGC F . -3.39 -6.37 -16.02
C5 BGC F . -1.99 -6.09 -16.55
C6 BGC F . -1.52 -4.73 -16.02
C1 BGC F . -1.46 -8.39 -16.64
O2 BGC F . -3.22 -10.05 -16.69
O3 BGC F . -5.13 -8.04 -15.98
O4 BGC F . -4.29 -5.35 -16.47
O5 BGC F . -1.09 -7.11 -16.10
O6 BGC F . -0.21 -4.46 -16.53
C2 BGC G . -16.88 8.94 -14.57
C3 BGC G . -15.45 8.43 -14.49
C4 BGC G . -15.45 7.09 -13.78
C5 BGC G . -16.37 6.15 -14.54
C6 BGC G . -16.35 4.77 -13.88
C1 BGC G . -17.73 7.90 -15.28
O1 BGC G . -19.09 8.38 -15.36
O2 BGC G . -16.91 10.16 -15.33
O3 BGC G . -14.64 9.39 -13.79
O4 BGC G . -14.13 6.52 -13.77
O5 BGC G . -17.70 6.67 -14.55
O6 BGC G . -16.75 4.86 -12.52
C2 BGC G . -12.38 5.85 -12.28
C3 BGC G . -11.52 6.29 -11.10
C4 BGC G . -10.82 7.59 -11.47
C5 BGC G . -11.87 8.62 -11.85
C6 BGC G . -11.18 9.93 -12.20
C1 BGC G . -13.36 6.96 -12.64
O2 BGC G . -13.09 4.66 -11.93
O3 BGC G . -10.52 5.29 -10.84
O4 BGC G . -10.06 8.06 -10.34
O5 BGC G . -12.63 8.15 -12.98
O6 BGC G . -10.20 9.71 -13.23
C2 BGC H . 20.64 16.10 24.24
C3 BGC H . 19.46 16.92 23.76
C4 BGC H . 19.72 18.39 24.10
C5 BGC H . 21.04 18.81 23.45
C6 BGC H . 21.31 20.27 23.78
C1 BGC H . 21.90 16.63 23.58
O1 BGC H . 23.01 15.81 24.00
O2 BGC H . 20.49 14.72 23.85
O3 BGC H . 18.26 16.49 24.42
O4 BGC H . 18.66 19.22 23.61
O5 BGC H . 22.11 17.99 23.95
O6 BGC H . 21.39 20.44 25.20
C2 BGC H . 17.07 20.68 24.65
C3 BGC H . 15.90 20.73 25.61
C4 BGC H . 14.81 19.80 25.09
C5 BGC H . 15.39 18.40 24.97
C6 BGC H . 14.31 17.45 24.43
C1 BGC H . 17.57 19.24 24.53
O2 BGC H . 18.13 21.51 25.13
O3 BGC H . 15.39 22.07 25.68
O4 BGC H . 13.71 19.78 26.01
O5 BGC H . 16.50 18.41 24.05
O6 BGC H . 13.21 17.41 25.34
C2 BGC I . -1.88 -20.74 1.28
C3 BGC I . -1.19 -22.12 1.32
C4 BGC I . -1.90 -23.00 2.37
C5 BGC I . -3.39 -23.08 2.06
C6 BGC I . -4.14 -23.86 3.13
C1 BGC I . -3.38 -20.91 1.03
O1 BGC I . -4.00 -19.67 1.07
O2 BGC I . -1.30 -19.94 0.28
O3 BGC I . 0.18 -21.97 1.67
O4 BGC I . -1.34 -24.30 2.35
O5 BGC I . -3.96 -21.74 2.03
O6 BGC I . -3.70 -23.50 4.44
C2 BGC J . 4.43 -18.80 -17.15
C3 BGC J . 5.52 -19.76 -16.69
C4 BGC J . 6.77 -19.59 -17.56
C5 BGC J . 7.21 -18.12 -17.61
C6 BGC J . 8.33 -17.91 -18.60
C1 BGC J . 4.98 -17.37 -17.14
O1 BGC J . 4.02 -16.47 -17.60
O2 BGC J . 3.32 -18.89 -16.27
O3 BGC J . 5.04 -21.10 -16.79
O4 BGC J . 7.83 -20.39 -17.03
O5 BGC J . 6.11 -17.27 -18.03
O6 BGC J . 8.19 -18.76 -19.72
S SO4 K . 30.02 -14.60 36.59
O1 SO4 K . 29.67 -16.01 36.33
O2 SO4 K . 31.36 -14.54 37.21
O3 SO4 K . 30.03 -13.85 35.32
O4 SO4 K . 29.00 -14.01 37.49
#